data_6GZV
#
_entry.id   6GZV
#
loop_
_entity.id
_entity.type
_entity.pdbx_description
1 polymer 'Capsid protein VP1'
2 polymer 'Capsid protein VP2'
3 polymer 'Capsid protein VP3'
4 polymer 'Capsid protein VP4'
5 non-polymer '4-[[4-[1,3-bis(oxidanylidene)isoindol-2-yl]phenyl]sulfonylamino]benzoic acid'
#
loop_
_entity_poly.entity_id
_entity_poly.type
_entity_poly.pdbx_seq_one_letter_code
_entity_poly.pdbx_strand_id
1 'polypeptide(L)'
;GPVEDAITAAIGRVADTVGTGPTNSEAIPALTAAETGHTSQVVPGDTMQTRHVKNYHSRSESTIENFLCRSACVYFTEYK
NSGAKRYAEWVLTPRQAAQLRRKLEFFTYVRFDLELTFVITSTQQPSTTQNQDAQILTHQIMYVPPGGPVPDKVDSYVWQ
TSTNPSVFWTEGNAPPRMSIPFLSIGNAYSNFYDGWSEFSRNGVYGINTLNNMGTLYARHVNAGSTGPIKSTIRIYFKPK
HVKAWIPRPPRLCQYEKAKNVNFQPSGVTTTRQSITTMTNTGAF
;
A
2 'polypeptide(L)'
;SPTVEECGYSDRARSITLGNSTITTQECANVVVGYGVWPDYLKDSEATAEDQPTQPDVATCRFYTLDSVQWQKTSPGWWW
KLPDALSNLGLFGQNMQYHYLGRTGYTVHVQCNASKFHQGCLLVVCVPEAEMGCATLDNTPSSAELLGGDTAKEFADKPV
ASGSNKLVQRVVYNAGMGVGVGNLTIFPHQWINLRTNNSATIVMPYTNSVPMDNMFRHNNVTLMVIPFVPLDYCPGSTTY
VPITVTIAPMCAEYNGLRLAGHQ
;
B
3 'polypeptide(L)'
;GLPTMNTPGSCQFLTSDDFQSPSAMPQYDVTPEMRIPGEVKNLMEIAEVDSVVPVQNVGEKVNSMEAYQIPVRSNEGSGT
QVFGFPLQPGYSSVFSRTLLGEILNYYTHWSGSIKLTFMFCGSAMATGKFLLAYSPPGAGAPTKRVDAMLGTHVIWDVGL
QSSCVLCIPWISQTHYRFVASDEYTAGGFITCWYQTNIVVPADAQSSCYIMCFVSACNDFSVRLLKDTPFISQQNFFQ
;
C
4 'polypeptide(L)' MGAQVSTQKTGAHETRLNASGNSIIHYTNINYYKDAASNSANRQDFTQDPGKFTEPVKDIMIKSLPALN D
#
loop_
_chem_comp.id
_chem_comp.type
_chem_comp.name
_chem_comp.formula
FHK non-polymer '4-[[4-[1,3-bis(oxidanylidene)isoindol-2-yl]phenyl]sulfonylamino]benzoic acid' 'C21 H14 N2 O6 S'
#
# COMPACT_ATOMS: atom_id res chain seq x y z
N ARG A 13 22.32 6.61 -3.72
CA ARG A 13 22.85 8.00 -3.67
C ARG A 13 21.80 8.96 -4.13
N VAL A 14 21.45 9.92 -3.26
CA VAL A 14 20.37 10.84 -3.45
C VAL A 14 20.83 12.03 -4.27
N ALA A 15 19.89 12.95 -4.61
CA ALA A 15 20.12 14.10 -5.47
C ALA A 15 20.71 15.25 -4.69
N ASP A 16 21.13 16.32 -5.41
CA ASP A 16 21.83 17.45 -4.81
C ASP A 16 21.09 18.73 -5.16
N THR A 17 21.24 19.77 -4.29
CA THR A 17 20.66 21.08 -4.46
C THR A 17 21.67 21.91 -5.23
N VAL A 18 21.21 22.92 -6.00
CA VAL A 18 22.06 23.78 -6.79
C VAL A 18 21.57 25.19 -6.57
N GLY A 19 22.47 26.20 -6.72
CA GLY A 19 22.16 27.61 -6.57
C GLY A 19 21.09 28.05 -7.52
N THR A 20 20.23 28.99 -7.09
CA THR A 20 19.13 29.47 -7.87
C THR A 20 19.21 30.98 -7.93
N GLY A 21 18.53 31.67 -6.99
CA GLY A 21 18.47 33.10 -6.92
C GLY A 21 17.05 33.51 -7.23
N PRO A 22 16.79 34.82 -7.21
CA PRO A 22 15.48 35.44 -7.47
C PRO A 22 14.77 34.89 -8.69
N THR A 23 13.45 35.03 -8.70
CA THR A 23 12.63 34.57 -9.81
C THR A 23 11.46 35.53 -9.98
N ASN A 24 11.33 36.12 -11.16
CA ASN A 24 10.25 37.06 -11.43
C ASN A 24 9.58 36.82 -12.76
N SER A 25 9.88 35.68 -13.38
CA SER A 25 9.30 35.32 -14.67
C SER A 25 8.09 34.42 -14.48
N GLU A 26 7.34 34.21 -15.56
CA GLU A 26 6.16 33.36 -15.51
C GLU A 26 6.54 31.88 -15.56
N ALA A 27 7.00 31.35 -14.44
CA ALA A 27 7.40 29.96 -14.35
C ALA A 27 6.49 29.21 -13.39
N ILE A 28 6.31 29.80 -12.20
CA ILE A 28 5.47 29.28 -11.12
C ILE A 28 5.46 27.75 -10.97
N PRO A 29 6.63 27.16 -10.70
CA PRO A 29 6.74 25.71 -10.53
C PRO A 29 6.00 25.23 -9.29
N ALA A 30 5.38 26.16 -8.57
CA ALA A 30 4.64 25.83 -7.37
C ALA A 30 3.22 25.61 -7.77
N LEU A 31 2.56 26.64 -8.29
CA LEU A 31 1.17 26.56 -8.71
C LEU A 31 0.96 25.59 -9.88
N THR A 32 0.24 24.50 -9.59
CA THR A 32 -0.08 23.47 -10.58
C THR A 32 -1.15 22.55 -9.99
N ALA A 33 -2.20 22.29 -10.74
CA ALA A 33 -3.26 21.45 -10.23
C ALA A 33 -2.72 20.09 -9.89
N ALA A 34 -3.16 19.56 -8.75
CA ALA A 34 -2.83 18.24 -8.25
C ALA A 34 -4.10 17.44 -8.37
N GLU A 35 -5.00 17.91 -9.27
CA GLU A 35 -6.27 17.34 -9.55
C GLU A 35 -6.11 16.36 -10.69
N THR A 36 -4.90 16.29 -11.30
CA THR A 36 -4.67 15.52 -12.49
C THR A 36 -4.08 14.19 -12.12
N GLY A 37 -3.91 13.92 -10.80
CA GLY A 37 -3.36 12.66 -10.34
C GLY A 37 -1.89 12.60 -10.63
N HIS A 38 -1.26 13.76 -10.64
CA HIS A 38 0.17 13.89 -10.89
C HIS A 38 0.82 14.56 -9.68
N THR A 39 1.74 13.85 -9.05
CA THR A 39 2.41 14.35 -7.87
C THR A 39 3.65 15.08 -8.34
N SER A 40 3.60 16.43 -8.32
CA SER A 40 4.64 17.30 -8.81
C SER A 40 5.89 17.24 -7.99
N GLN A 41 7.07 17.47 -8.62
CA GLN A 41 8.35 17.45 -7.97
C GLN A 41 8.80 18.87 -7.86
N VAL A 42 8.93 19.34 -6.60
CA VAL A 42 9.28 20.70 -6.26
C VAL A 42 10.48 20.55 -5.38
N VAL A 43 11.54 21.34 -5.67
CA VAL A 43 12.77 21.34 -4.91
C VAL A 43 12.77 22.55 -4.01
N PRO A 44 13.64 22.67 -3.01
CA PRO A 44 13.87 23.88 -2.22
C PRO A 44 13.96 25.15 -3.01
N GLY A 45 14.70 25.12 -4.14
CA GLY A 45 14.99 26.23 -5.03
C GLY A 45 13.77 26.92 -5.58
N ASP A 46 12.63 26.22 -5.64
CA ASP A 46 11.41 26.70 -6.24
C ASP A 46 10.65 27.62 -5.33
N THR A 47 10.76 27.46 -3.98
CA THR A 47 9.98 28.24 -3.04
C THR A 47 10.84 29.25 -2.33
N MET A 48 12.16 29.29 -2.62
CA MET A 48 13.04 30.21 -1.96
C MET A 48 14.25 30.27 -2.83
N GLN A 49 15.45 30.37 -2.22
CA GLN A 49 16.69 30.23 -2.92
C GLN A 49 17.55 29.50 -1.93
N THR A 50 18.26 28.47 -2.42
CA THR A 50 19.11 27.65 -1.59
C THR A 50 20.31 27.42 -2.44
N ARG A 51 21.49 27.62 -1.88
CA ARG A 51 22.74 27.45 -2.62
C ARG A 51 23.01 25.97 -2.91
N HIS A 52 24.14 25.70 -3.55
CA HIS A 52 24.51 24.33 -3.88
C HIS A 52 24.89 23.55 -2.63
N VAL A 53 24.06 22.58 -2.27
CA VAL A 53 24.31 21.78 -1.11
C VAL A 53 24.52 20.42 -1.69
N LYS A 54 25.60 19.72 -1.28
CA LYS A 54 25.88 18.37 -1.72
C LYS A 54 25.31 17.48 -0.65
N ASN A 55 24.67 16.38 -1.08
CA ASN A 55 24.07 15.43 -0.17
C ASN A 55 24.78 14.16 -0.45
N TYR A 56 25.21 13.46 0.61
CA TYR A 56 25.89 12.20 0.51
C TYR A 56 25.04 11.16 1.17
N HIS A 57 23.83 11.53 1.53
CA HIS A 57 22.91 10.61 2.17
C HIS A 57 22.66 9.46 1.22
N SER A 58 22.42 8.27 1.77
CA SER A 58 22.19 7.11 0.92
C SER A 58 20.81 6.49 1.11
N ARG A 59 20.11 6.27 0.01
CA ARG A 59 18.77 5.69 0.05
C ARG A 59 18.84 4.18 -0.18
N SER A 60 19.75 3.52 0.53
CA SER A 60 19.92 2.08 0.42
C SER A 60 19.08 1.36 1.47
N GLU A 61 19.39 1.60 2.74
CA GLU A 61 18.67 0.98 3.84
C GLU A 61 17.16 1.21 3.71
N SER A 62 16.71 1.40 2.48
CA SER A 62 15.30 1.64 2.22
C SER A 62 14.85 0.86 0.99
N THR A 63 15.70 -0.05 0.52
CA THR A 63 15.38 -0.86 -0.64
C THR A 63 14.32 -1.88 -0.30
N ILE A 64 13.54 -2.28 -1.29
CA ILE A 64 12.45 -3.23 -1.09
C ILE A 64 12.91 -4.51 -0.37
N GLU A 65 14.02 -5.08 -0.81
CA GLU A 65 14.54 -6.30 -0.22
C GLU A 65 14.97 -6.11 1.24
N ASN A 66 15.95 -5.24 1.43
CA ASN A 66 16.50 -4.96 2.73
C ASN A 66 15.44 -4.67 3.75
N PHE A 67 14.31 -4.08 3.31
CA PHE A 67 13.18 -3.81 4.16
C PHE A 67 12.56 -5.10 4.64
N LEU A 68 12.25 -6.01 3.70
CA LEU A 68 11.58 -7.24 4.00
C LEU A 68 12.50 -8.31 4.52
N CYS A 69 13.80 -8.31 4.18
CA CYS A 69 14.73 -9.34 4.61
C CYS A 69 15.21 -9.03 6.00
N ARG A 70 14.39 -9.46 6.98
CA ARG A 70 14.70 -9.43 8.38
C ARG A 70 13.94 -10.60 8.88
N SER A 71 14.56 -11.46 9.73
CA SER A 71 13.88 -12.61 10.27
C SER A 71 12.86 -12.18 11.28
N ALA A 72 11.60 -12.61 11.08
CA ALA A 72 10.52 -12.33 11.97
C ALA A 72 9.98 -13.66 12.40
N CYS A 73 9.59 -13.77 13.69
CA CYS A 73 8.95 -14.92 14.25
C CYS A 73 7.52 -14.95 13.77
N VAL A 74 7.12 -16.08 13.15
CA VAL A 74 5.80 -16.21 12.61
C VAL A 74 4.92 -17.02 13.50
N TYR A 75 5.46 -17.77 14.50
CA TYR A 75 4.61 -18.72 15.18
C TYR A 75 5.46 -19.48 16.16
N PHE A 76 4.80 -20.22 17.07
CA PHE A 76 5.47 -21.14 17.94
C PHE A 76 4.37 -21.99 18.54
N THR A 77 4.68 -23.29 18.76
CA THR A 77 3.76 -24.25 19.30
C THR A 77 4.52 -25.04 20.30
N GLU A 78 3.82 -25.91 21.05
CA GLU A 78 4.40 -26.65 22.12
C GLU A 78 3.97 -28.07 21.94
N TYR A 79 4.82 -29.01 22.32
CA TYR A 79 4.49 -30.42 22.19
C TYR A 79 5.15 -31.24 23.31
N LYS A 80 4.33 -31.94 24.07
CA LYS A 80 4.83 -32.77 25.15
C LYS A 80 5.63 -33.93 24.58
N ASN A 81 6.67 -34.35 25.30
CA ASN A 81 7.50 -35.45 24.86
C ASN A 81 6.96 -36.79 25.34
N SER A 82 5.92 -36.75 26.17
CA SER A 82 5.32 -37.96 26.71
C SER A 82 3.92 -37.64 27.24
N GLY A 83 2.91 -37.89 26.42
CA GLY A 83 1.54 -37.62 26.81
C GLY A 83 0.56 -37.71 25.65
N ALA A 84 0.05 -36.56 25.24
CA ALA A 84 -0.90 -36.51 24.13
C ALA A 84 -0.28 -35.93 22.86
N LYS A 85 -0.33 -34.61 22.73
CA LYS A 85 0.23 -33.93 21.56
C LYS A 85 1.74 -34.06 21.54
N ARG A 86 2.25 -35.14 20.96
CA ARG A 86 3.67 -35.33 20.88
C ARG A 86 4.24 -34.72 19.65
N TYR A 87 3.41 -34.02 18.86
CA TYR A 87 3.86 -33.44 17.63
C TYR A 87 3.06 -32.18 17.52
N ALA A 88 3.57 -31.21 16.76
CA ALA A 88 2.87 -29.98 16.50
C ALA A 88 2.67 -30.01 15.03
N GLU A 89 1.77 -29.15 14.53
CA GLU A 89 1.50 -29.10 13.13
C GLU A 89 1.16 -27.70 12.83
N TRP A 90 1.62 -27.22 11.66
CA TRP A 90 1.39 -25.86 11.28
C TRP A 90 1.23 -25.80 9.78
N VAL A 91 0.11 -25.21 9.29
CA VAL A 91 -0.05 -24.91 7.89
C VAL A 91 0.74 -23.64 7.67
N LEU A 92 1.76 -23.64 6.77
CA LEU A 92 2.62 -22.50 6.57
C LEU A 92 1.83 -21.34 6.00
N THR A 93 1.87 -20.21 6.72
CA THR A 93 1.30 -18.95 6.28
C THR A 93 2.09 -17.96 7.08
N PRO A 94 2.37 -16.77 6.62
CA PRO A 94 2.95 -15.71 7.43
C PRO A 94 1.88 -15.06 8.26
N ARG A 95 0.61 -15.53 8.17
CA ARG A 95 -0.53 -14.93 8.80
C ARG A 95 -0.75 -15.61 10.11
N GLN A 96 0.08 -15.26 11.09
CA GLN A 96 -0.10 -15.72 12.44
C GLN A 96 0.58 -14.73 13.33
N ALA A 97 1.41 -13.84 12.77
CA ALA A 97 2.10 -12.84 13.52
C ALA A 97 1.72 -11.56 12.87
N ALA A 98 1.37 -10.54 13.69
CA ALA A 98 1.00 -9.23 13.21
C ALA A 98 2.14 -8.51 12.56
N GLN A 99 3.34 -8.57 13.19
CA GLN A 99 4.54 -7.88 12.77
C GLN A 99 4.96 -8.18 11.36
N LEU A 100 5.22 -9.46 11.00
CA LEU A 100 5.64 -9.83 9.66
C LEU A 100 4.56 -9.60 8.66
N ARG A 101 3.32 -9.94 9.03
CA ARG A 101 2.17 -9.82 8.18
C ARG A 101 1.94 -8.45 7.64
N ARG A 102 2.04 -7.41 8.49
CA ARG A 102 1.83 -6.04 8.06
C ARG A 102 2.85 -5.57 7.05
N LYS A 103 4.10 -6.06 7.12
CA LYS A 103 5.14 -5.71 6.18
C LYS A 103 4.84 -6.29 4.83
N LEU A 104 4.41 -7.56 4.74
CA LEU A 104 4.06 -8.22 3.50
C LEU A 104 2.86 -7.62 2.85
N GLU A 105 1.86 -7.17 3.65
CA GLU A 105 0.62 -6.58 3.20
C GLU A 105 0.78 -5.13 2.85
N PHE A 106 2.01 -4.69 2.54
CA PHE A 106 2.33 -3.36 2.09
C PHE A 106 2.52 -3.49 0.58
N PHE A 107 2.47 -4.73 0.09
CA PHE A 107 2.59 -5.02 -1.33
C PHE A 107 1.49 -5.99 -1.74
N THR A 108 0.95 -5.84 -2.95
CA THR A 108 -0.11 -6.73 -3.37
C THR A 108 0.49 -8.04 -3.77
N TYR A 109 1.60 -8.04 -4.56
CA TYR A 109 2.23 -9.25 -5.01
C TYR A 109 3.66 -9.20 -4.60
N VAL A 110 4.20 -10.33 -4.09
CA VAL A 110 5.57 -10.48 -3.65
C VAL A 110 6.03 -11.81 -4.14
N ARG A 111 7.34 -11.94 -4.38
CA ARG A 111 7.97 -13.14 -4.84
C ARG A 111 9.21 -13.24 -4.03
N PHE A 112 9.51 -14.42 -3.43
CA PHE A 112 10.68 -14.56 -2.61
C PHE A 112 10.94 -15.99 -2.28
N ASP A 113 12.17 -16.25 -1.77
CA ASP A 113 12.62 -17.52 -1.25
C ASP A 113 12.52 -17.34 0.24
N LEU A 114 12.50 -18.46 1.01
CA LEU A 114 12.36 -18.41 2.45
C LEU A 114 13.54 -19.09 3.03
N GLU A 115 13.94 -18.64 4.23
CA GLU A 115 14.95 -19.29 5.02
C GLU A 115 14.21 -19.60 6.27
N LEU A 116 14.05 -20.89 6.61
CA LEU A 116 13.37 -21.30 7.79
C LEU A 116 14.42 -21.69 8.76
N THR A 117 14.41 -21.04 9.93
CA THR A 117 15.28 -21.33 11.02
C THR A 117 14.34 -21.67 12.12
N PHE A 118 14.66 -22.69 12.90
CA PHE A 118 13.81 -23.10 14.00
C PHE A 118 14.61 -23.00 15.29
N VAL A 119 14.08 -22.29 16.28
CA VAL A 119 14.76 -22.13 17.52
C VAL A 119 13.96 -22.93 18.50
N ILE A 120 14.43 -24.17 18.77
CA ILE A 120 13.80 -25.12 19.65
C ILE A 120 14.48 -25.03 20.99
N THR A 121 13.69 -24.80 22.06
CA THR A 121 14.18 -24.61 23.41
C THR A 121 13.32 -25.50 24.23
N SER A 122 13.91 -26.26 25.19
CA SER A 122 13.15 -27.21 25.97
C SER A 122 13.06 -26.69 27.38
N THR A 123 11.95 -27.02 28.07
CA THR A 123 11.71 -26.62 29.43
C THR A 123 11.21 -27.84 30.13
N GLN A 124 11.73 -28.15 31.33
CA GLN A 124 11.24 -29.27 32.12
C GLN A 124 9.91 -28.89 32.70
N GLN A 125 9.00 -29.88 32.82
CA GLN A 125 7.66 -29.65 33.32
C GLN A 125 7.61 -30.19 34.71
N PRO A 126 6.94 -29.54 35.66
CA PRO A 126 6.86 -29.98 37.04
C PRO A 126 6.19 -31.31 37.14
N SER A 127 6.77 -32.25 37.90
CA SER A 127 6.22 -33.56 38.07
C SER A 127 6.85 -34.12 39.32
N THR A 128 6.30 -35.26 39.80
CA THR A 128 6.79 -35.93 40.99
C THR A 128 7.61 -37.13 40.60
N THR A 129 7.92 -37.29 39.29
CA THR A 129 8.74 -38.36 38.75
C THR A 129 10.12 -38.33 39.37
N GLN A 130 10.65 -39.52 39.71
CA GLN A 130 11.93 -39.65 40.35
C GLN A 130 13.02 -39.80 39.34
N ASN A 131 14.16 -39.14 39.65
CA ASN A 131 15.40 -39.18 38.91
C ASN A 131 15.26 -38.80 37.46
N GLN A 132 14.79 -37.56 37.21
CA GLN A 132 14.58 -37.04 35.90
C GLN A 132 15.90 -36.53 35.40
N ASP A 133 16.39 -37.13 34.29
CA ASP A 133 17.66 -36.80 33.73
C ASP A 133 17.45 -36.93 32.25
N ALA A 134 17.78 -35.87 31.49
CA ALA A 134 17.65 -35.84 30.06
C ALA A 134 18.94 -36.33 29.47
N GLN A 135 18.84 -36.92 28.28
CA GLN A 135 19.99 -37.41 27.55
C GLN A 135 20.05 -36.75 26.18
N ILE A 136 19.94 -35.42 26.18
CA ILE A 136 19.97 -34.55 24.99
C ILE A 136 18.90 -34.88 23.94
N LEU A 137 17.70 -34.34 24.13
CA LEU A 137 16.61 -34.56 23.20
C LEU A 137 16.99 -34.16 21.78
N THR A 138 16.54 -34.96 20.81
CA THR A 138 16.82 -34.70 19.43
C THR A 138 15.46 -34.42 18.89
N HIS A 139 15.37 -33.36 18.11
CA HIS A 139 14.11 -32.94 17.50
C HIS A 139 14.15 -33.14 16.00
N GLN A 140 12.99 -33.41 15.43
CA GLN A 140 12.84 -33.63 14.03
C GLN A 140 11.83 -32.63 13.62
N ILE A 141 12.19 -31.78 12.64
CA ILE A 141 11.28 -30.85 12.02
C ILE A 141 11.20 -31.36 10.62
N MET A 142 9.98 -31.60 10.12
CA MET A 142 9.72 -32.26 8.87
C MET A 142 8.83 -31.37 8.09
N TYR A 143 9.11 -31.23 6.79
CA TYR A 143 8.32 -30.44 5.88
C TYR A 143 7.57 -31.44 5.06
N VAL A 144 6.24 -31.27 4.99
CA VAL A 144 5.31 -32.07 4.23
C VAL A 144 4.76 -31.18 3.13
N PRO A 145 5.17 -31.28 1.87
CA PRO A 145 4.63 -30.53 0.73
C PRO A 145 3.12 -30.58 0.61
N PRO A 146 2.43 -29.62 0.02
CA PRO A 146 0.97 -29.59 -0.05
C PRO A 146 0.41 -30.78 -0.77
N GLY A 147 -0.50 -31.54 -0.11
CA GLY A 147 -1.07 -32.73 -0.68
C GLY A 147 -0.20 -33.92 -0.39
N GLY A 148 0.45 -33.91 0.79
CA GLY A 148 1.33 -34.96 1.24
C GLY A 148 0.53 -35.90 2.09
N PRO A 149 1.17 -36.78 2.84
CA PRO A 149 0.51 -37.67 3.77
C PRO A 149 0.44 -36.92 5.07
N VAL A 150 -0.43 -37.33 6.02
CA VAL A 150 -0.61 -36.59 7.24
C VAL A 150 -0.37 -37.57 8.36
N PRO A 151 0.63 -37.42 9.24
CA PRO A 151 0.85 -38.28 10.39
C PRO A 151 -0.25 -38.11 11.42
N ASP A 152 -0.50 -39.16 12.22
CA ASP A 152 -1.47 -39.14 13.30
C ASP A 152 -0.68 -39.47 14.54
N LYS A 153 -0.56 -40.78 14.86
CA LYS A 153 0.23 -41.33 15.94
C LYS A 153 1.69 -41.03 15.70
N VAL A 154 2.50 -40.74 16.75
CA VAL A 154 3.91 -40.45 16.55
C VAL A 154 4.65 -41.76 16.63
N ASP A 155 4.64 -42.41 15.47
CA ASP A 155 5.26 -43.70 15.22
C ASP A 155 4.72 -44.14 13.85
N SER A 156 3.96 -43.25 13.22
CA SER A 156 3.37 -43.51 11.92
C SER A 156 4.43 -43.59 10.87
N TYR A 157 4.22 -44.45 9.85
CA TYR A 157 5.08 -44.66 8.70
C TYR A 157 5.47 -43.40 7.99
N VAL A 158 4.62 -42.36 8.07
CA VAL A 158 4.77 -41.03 7.54
C VAL A 158 6.08 -40.39 7.92
N TRP A 159 6.55 -40.59 9.18
CA TRP A 159 7.76 -40.00 9.71
C TRP A 159 9.04 -40.64 9.20
N GLN A 160 8.95 -41.57 8.24
CA GLN A 160 10.11 -42.20 7.66
C GLN A 160 10.85 -41.29 6.74
N THR A 161 10.24 -40.16 6.41
CA THR A 161 10.88 -39.16 5.55
C THR A 161 11.46 -39.86 4.34
N SER A 162 10.57 -40.43 3.53
CA SER A 162 10.96 -41.15 2.35
C SER A 162 11.40 -40.23 1.25
N THR A 163 10.74 -39.07 1.11
CA THR A 163 11.05 -38.11 0.08
C THR A 163 10.91 -36.75 0.70
N ASN A 164 10.06 -36.62 1.74
CA ASN A 164 9.76 -35.40 2.46
C ASN A 164 11.00 -34.90 3.13
N PRO A 165 11.46 -33.65 2.98
CA PRO A 165 12.61 -33.10 3.67
C PRO A 165 12.47 -33.13 5.15
N SER A 166 13.58 -33.25 5.91
CA SER A 166 13.53 -33.14 7.34
C SER A 166 14.87 -32.71 7.84
N VAL A 167 14.89 -31.90 8.91
CA VAL A 167 16.10 -31.50 9.59
C VAL A 167 16.08 -32.25 10.89
N PHE A 168 17.19 -32.93 11.23
CA PHE A 168 17.38 -33.64 12.48
C PHE A 168 18.39 -32.86 13.25
N TRP A 169 17.99 -32.37 14.44
CA TRP A 169 18.76 -31.45 15.21
C TRP A 169 18.86 -31.93 16.62
N THR A 170 20.11 -32.14 17.08
CA THR A 170 20.45 -32.51 18.42
C THR A 170 20.54 -31.24 19.21
N GLU A 171 19.95 -31.21 20.42
CA GLU A 171 19.83 -30.03 21.22
C GLU A 171 21.16 -29.60 21.77
N GLY A 172 21.47 -28.28 21.69
CA GLY A 172 22.70 -27.72 22.21
C GLY A 172 23.69 -27.46 21.11
N ASN A 173 23.18 -27.06 19.96
CA ASN A 173 23.98 -26.74 18.80
C ASN A 173 23.33 -25.56 18.07
N ALA A 174 24.00 -25.07 17.04
CA ALA A 174 23.48 -23.95 16.28
C ALA A 174 22.12 -24.33 15.74
N PRO A 175 21.10 -23.49 15.84
CA PRO A 175 19.74 -23.81 15.45
C PRO A 175 19.62 -24.24 14.01
N PRO A 176 18.77 -25.19 13.63
CA PRO A 176 18.65 -25.71 12.28
C PRO A 176 18.24 -24.63 11.30
N ARG A 177 18.76 -24.70 10.05
CA ARG A 177 18.44 -23.74 9.02
C ARG A 177 18.30 -24.51 7.76
N MET A 178 17.34 -24.10 6.90
CA MET A 178 17.13 -24.73 5.62
C MET A 178 16.50 -23.65 4.80
N SER A 179 16.61 -23.75 3.46
CA SER A 179 16.05 -22.81 2.52
C SER A 179 14.91 -23.51 1.86
N ILE A 180 13.96 -22.74 1.30
CA ILE A 180 12.87 -23.22 0.49
C ILE A 180 12.98 -22.30 -0.70
N PRO A 181 12.78 -22.72 -1.95
CA PRO A 181 12.82 -21.80 -3.08
C PRO A 181 11.48 -21.15 -3.21
N PHE A 182 11.24 -20.39 -4.29
CA PHE A 182 9.93 -19.85 -4.57
C PHE A 182 9.03 -20.97 -5.09
N LEU A 183 7.99 -21.36 -4.31
CA LEU A 183 7.10 -22.43 -4.70
C LEU A 183 5.74 -21.82 -4.80
N SER A 184 5.26 -21.58 -6.03
CA SER A 184 3.94 -21.05 -6.18
C SER A 184 3.50 -21.55 -7.50
N ILE A 185 2.19 -21.87 -7.60
CA ILE A 185 1.57 -22.27 -8.83
C ILE A 185 1.64 -21.16 -9.84
N GLY A 186 1.30 -19.93 -9.39
CA GLY A 186 1.45 -18.72 -10.16
C GLY A 186 2.86 -18.25 -10.17
N ASN A 187 3.02 -16.95 -10.52
CA ASN A 187 4.30 -16.35 -10.76
C ASN A 187 4.54 -15.33 -9.69
N ALA A 188 3.61 -15.20 -8.72
CA ALA A 188 3.82 -14.38 -7.56
C ALA A 188 2.88 -14.87 -6.51
N TYR A 189 3.23 -14.68 -5.23
CA TYR A 189 2.33 -14.93 -4.12
C TYR A 189 1.41 -13.76 -4.04
N SER A 190 0.09 -14.02 -3.93
CA SER A 190 -0.91 -12.99 -3.80
C SER A 190 -1.15 -12.80 -2.34
N ASN A 191 -1.03 -11.54 -1.85
CA ASN A 191 -1.22 -11.22 -0.45
C ASN A 191 -2.64 -10.79 -0.22
N PHE A 192 -3.37 -10.58 -1.30
CA PHE A 192 -4.78 -10.19 -1.27
C PHE A 192 -5.45 -10.85 -2.48
N TYR A 193 -6.48 -11.64 -2.25
CA TYR A 193 -7.11 -12.33 -3.34
C TYR A 193 -8.54 -11.97 -3.20
N ASP A 194 -9.13 -11.40 -4.27
CA ASP A 194 -10.52 -11.07 -4.30
C ASP A 194 -11.09 -12.07 -5.24
N GLY A 195 -11.86 -13.03 -4.70
CA GLY A 195 -12.44 -14.06 -5.52
C GLY A 195 -12.65 -15.23 -4.63
N TRP A 196 -13.33 -16.27 -5.16
CA TRP A 196 -13.62 -17.48 -4.45
C TRP A 196 -12.84 -18.54 -5.16
N SER A 197 -12.88 -19.77 -4.63
CA SER A 197 -12.23 -20.90 -5.25
C SER A 197 -13.26 -21.66 -6.05
N GLU A 198 -14.54 -21.48 -5.69
CA GLU A 198 -15.67 -22.16 -6.24
C GLU A 198 -16.30 -21.28 -7.29
N PHE A 199 -16.75 -21.87 -8.42
CA PHE A 199 -17.29 -21.13 -9.56
C PHE A 199 -18.64 -20.57 -9.27
N SER A 200 -19.31 -21.03 -8.20
CA SER A 200 -20.63 -20.59 -7.83
C SER A 200 -20.54 -19.46 -6.84
N ARG A 201 -19.30 -19.04 -6.49
CA ARG A 201 -18.99 -17.91 -5.66
C ARG A 201 -19.50 -18.08 -4.25
N ASN A 202 -19.13 -19.20 -3.60
CA ASN A 202 -19.57 -19.46 -2.27
C ASN A 202 -18.39 -20.13 -1.65
N GLY A 203 -18.49 -20.46 -0.35
CA GLY A 203 -17.48 -21.19 0.34
C GLY A 203 -16.50 -20.23 0.93
N VAL A 204 -15.20 -20.49 0.61
CA VAL A 204 -14.11 -19.72 1.13
C VAL A 204 -13.88 -18.56 0.23
N TYR A 205 -13.51 -17.40 0.81
CA TYR A 205 -13.28 -16.18 0.10
C TYR A 205 -11.82 -15.80 0.19
N GLY A 206 -11.08 -15.90 -0.93
CA GLY A 206 -9.68 -15.54 -0.98
C GLY A 206 -8.84 -16.49 -0.19
N ILE A 207 -9.03 -17.78 -0.45
CA ILE A 207 -8.28 -18.88 0.17
C ILE A 207 -7.71 -19.70 -0.99
N ASN A 208 -7.18 -18.94 -1.94
CA ASN A 208 -6.61 -19.35 -3.19
C ASN A 208 -5.39 -20.19 -2.95
N THR A 209 -5.11 -21.14 -3.87
CA THR A 209 -3.99 -22.03 -3.76
C THR A 209 -2.81 -21.41 -4.45
N LEU A 210 -2.09 -20.50 -3.75
CA LEU A 210 -0.85 -19.99 -4.26
C LEU A 210 0.05 -19.72 -3.10
N ASN A 211 -0.52 -19.51 -1.90
CA ASN A 211 0.22 -19.23 -0.69
C ASN A 211 -0.19 -20.29 0.30
N ASN A 212 0.12 -21.53 -0.05
CA ASN A 212 -0.21 -22.68 0.80
C ASN A 212 0.88 -23.73 0.65
N MET A 213 2.06 -23.45 1.22
CA MET A 213 3.19 -24.35 1.13
C MET A 213 3.10 -25.54 2.09
N GLY A 214 1.99 -26.27 2.02
CA GLY A 214 1.83 -27.43 2.86
C GLY A 214 1.99 -27.17 4.31
N THR A 215 2.28 -28.25 5.06
CA THR A 215 2.36 -28.28 6.49
C THR A 215 3.75 -28.61 6.92
N LEU A 216 4.08 -28.28 8.19
CA LEU A 216 5.35 -28.51 8.79
C LEU A 216 5.04 -29.16 10.12
N TYR A 217 5.51 -30.41 10.36
CA TYR A 217 5.30 -31.11 11.60
C TYR A 217 6.60 -31.28 12.32
N ALA A 218 6.58 -31.32 13.66
CA ALA A 218 7.79 -31.46 14.44
C ALA A 218 7.51 -32.38 15.61
N ARG A 219 8.52 -33.17 16.07
CA ARG A 219 8.33 -34.07 17.19
C ARG A 219 9.65 -34.43 17.80
N HIS A 220 9.62 -35.12 18.98
CA HIS A 220 10.81 -35.61 19.65
C HIS A 220 11.14 -36.94 19.08
N VAL A 221 12.38 -37.12 18.61
CA VAL A 221 12.87 -38.38 18.13
C VAL A 221 12.99 -39.38 19.24
N ASN A 222 13.63 -38.97 20.35
CA ASN A 222 13.90 -39.84 21.48
C ASN A 222 12.80 -39.71 22.49
N ALA A 223 12.94 -40.46 23.60
CA ALA A 223 11.98 -40.47 24.67
C ALA A 223 12.44 -39.59 25.78
N GLY A 224 13.50 -38.77 25.56
CA GLY A 224 14.03 -37.79 26.48
C GLY A 224 14.33 -38.34 27.85
N SER A 225 13.89 -37.61 28.90
CA SER A 225 14.02 -38.02 30.27
C SER A 225 12.88 -38.93 30.60
N THR A 226 12.93 -39.56 31.80
CA THR A 226 11.86 -40.35 32.36
C THR A 226 10.63 -39.51 32.58
N GLY A 227 10.80 -38.26 33.08
CA GLY A 227 9.71 -37.36 33.34
C GLY A 227 9.26 -36.67 32.07
N PRO A 228 8.28 -35.80 32.16
CA PRO A 228 7.77 -35.08 31.02
C PRO A 228 8.62 -33.87 30.79
N ILE A 229 8.77 -33.50 29.51
CA ILE A 229 9.49 -32.36 29.06
C ILE A 229 8.63 -31.83 27.97
N LYS A 230 8.48 -30.50 27.89
CA LYS A 230 7.68 -29.84 26.90
C LYS A 230 8.67 -28.96 26.21
N SER A 231 8.68 -29.01 24.86
CA SER A 231 9.58 -28.26 24.02
C SER A 231 8.75 -27.30 23.24
N THR A 232 9.38 -26.19 22.81
CA THR A 232 8.70 -25.08 22.19
C THR A 232 9.44 -24.81 20.92
N ILE A 233 8.83 -25.14 19.75
CA ILE A 233 9.41 -24.88 18.45
C ILE A 233 8.99 -23.50 18.06
N ARG A 234 9.95 -22.59 17.80
CA ARG A 234 9.70 -21.24 17.37
C ARG A 234 10.17 -21.14 15.95
N ILE A 235 9.29 -20.73 15.00
CA ILE A 235 9.55 -20.68 13.58
C ILE A 235 9.94 -19.28 13.14
N TYR A 236 11.06 -19.13 12.40
CA TYR A 236 11.52 -17.87 11.87
C TYR A 236 11.56 -17.90 10.37
N PHE A 237 11.03 -16.85 9.69
CA PHE A 237 11.01 -16.74 8.24
C PHE A 237 11.90 -15.59 7.93
N LYS A 238 12.66 -15.62 6.81
CA LYS A 238 13.53 -14.52 6.40
C LYS A 238 13.46 -14.47 4.90
N PRO A 239 12.75 -13.55 4.28
CA PRO A 239 12.67 -13.42 2.83
C PRO A 239 13.96 -13.05 2.13
N LYS A 240 14.59 -13.97 1.37
CA LYS A 240 15.69 -13.64 0.49
C LYS A 240 15.17 -13.49 -0.91
N HIS A 241 15.97 -12.83 -1.79
CA HIS A 241 15.74 -12.58 -3.19
C HIS A 241 14.37 -12.05 -3.51
N VAL A 242 14.00 -10.93 -2.87
CA VAL A 242 12.65 -10.42 -2.89
C VAL A 242 12.49 -9.51 -4.08
N LYS A 243 11.28 -9.56 -4.68
CA LYS A 243 10.87 -8.67 -5.75
C LYS A 243 9.46 -8.42 -5.35
N ALA A 244 9.02 -7.15 -5.30
CA ALA A 244 7.71 -6.81 -4.83
C ALA A 244 7.13 -5.86 -5.81
N TRP A 245 5.85 -6.08 -6.17
CA TRP A 245 5.15 -5.30 -7.15
C TRP A 245 3.94 -4.76 -6.47
N ILE A 246 3.28 -3.79 -7.14
CA ILE A 246 2.08 -3.07 -6.75
C ILE A 246 1.97 -2.64 -5.29
N PRO A 247 2.47 -1.46 -4.88
CA PRO A 247 2.39 -0.96 -3.51
C PRO A 247 0.95 -0.72 -3.12
N ARG A 248 0.64 -0.73 -1.81
CA ARG A 248 -0.71 -0.53 -1.37
C ARG A 248 -0.68 -0.04 0.04
N PRO A 249 -1.72 0.65 0.54
CA PRO A 249 -1.86 1.11 1.91
C PRO A 249 -1.47 0.12 2.97
N PRO A 250 -0.75 0.49 4.04
CA PRO A 250 -0.53 -0.37 5.19
C PRO A 250 -1.82 -0.51 5.94
N ARG A 251 -2.02 -1.65 6.63
CA ARG A 251 -3.19 -1.95 7.43
C ARG A 251 -3.32 -0.92 8.52
N LEU A 252 -4.55 -0.50 8.85
CA LEU A 252 -4.82 0.50 9.84
C LEU A 252 -5.36 -0.20 11.04
N CYS A 253 -6.66 -0.61 10.97
CA CYS A 253 -7.37 -1.38 11.96
C CYS A 253 -6.71 -2.72 12.20
N GLN A 254 -6.80 -3.24 13.44
CA GLN A 254 -6.17 -4.46 13.87
C GLN A 254 -6.71 -5.67 13.15
N TYR A 255 -5.84 -6.67 12.92
CA TYR A 255 -6.20 -7.95 12.35
C TYR A 255 -7.11 -8.73 13.24
N GLU A 256 -8.02 -9.53 12.65
CA GLU A 256 -8.98 -10.31 13.40
C GLU A 256 -8.85 -11.77 13.08
N LYS A 257 -8.54 -12.13 11.82
CA LYS A 257 -8.47 -13.52 11.42
C LYS A 257 -7.28 -13.74 10.55
N ALA A 258 -6.82 -15.02 10.52
CA ALA A 258 -5.60 -15.45 9.90
C ALA A 258 -5.80 -15.84 8.46
N LYS A 259 -6.92 -15.45 7.86
CA LYS A 259 -7.17 -15.81 6.47
C LYS A 259 -8.19 -14.88 5.84
N ASN A 260 -8.62 -13.90 6.62
CA ASN A 260 -9.59 -12.93 6.19
C ASN A 260 -9.03 -11.62 6.62
N VAL A 261 -9.63 -10.53 6.10
CA VAL A 261 -9.18 -9.18 6.30
C VAL A 261 -10.19 -8.53 7.20
N ASN A 262 -10.93 -9.33 8.01
CA ASN A 262 -11.98 -8.88 8.89
C ASN A 262 -11.45 -7.87 9.87
N PHE A 263 -12.28 -6.90 10.26
CA PHE A 263 -11.80 -5.87 11.14
C PHE A 263 -12.97 -5.26 11.82
N GLN A 264 -12.70 -4.52 12.90
CA GLN A 264 -13.68 -3.72 13.59
C GLN A 264 -13.30 -2.31 13.24
N PRO A 265 -14.19 -1.41 12.82
CA PRO A 265 -13.87 -0.02 12.53
C PRO A 265 -13.27 0.67 13.72
N SER A 266 -12.29 1.56 13.49
CA SER A 266 -11.66 2.29 14.55
C SER A 266 -11.24 3.59 13.92
N GLY A 267 -10.66 4.49 14.74
CA GLY A 267 -10.20 5.81 14.40
C GLY A 267 -9.45 5.93 13.11
N VAL A 268 -9.43 7.16 12.57
CA VAL A 268 -8.83 7.50 11.31
C VAL A 268 -7.47 8.05 11.65
N THR A 269 -7.30 8.60 12.87
CA THR A 269 -6.05 9.12 13.35
C THR A 269 -6.15 9.07 14.85
N THR A 270 -5.05 9.46 15.54
CA THR A 270 -5.06 9.64 16.98
C THR A 270 -5.53 11.07 17.15
N THR A 271 -6.41 11.32 18.15
CA THR A 271 -7.07 12.58 18.31
C THR A 271 -6.14 13.56 19.00
N ARG A 272 -6.43 14.87 18.85
CA ARG A 272 -5.78 15.90 19.60
C ARG A 272 -6.86 16.89 19.95
N GLN A 273 -6.47 18.16 20.21
CA GLN A 273 -7.36 19.20 20.64
C GLN A 273 -7.99 19.87 19.45
N SER A 274 -7.61 21.13 19.15
CA SER A 274 -8.17 21.92 18.07
C SER A 274 -7.38 21.70 16.82
N ILE A 275 -7.73 22.44 15.75
CA ILE A 275 -7.11 22.36 14.45
C ILE A 275 -5.84 23.16 14.45
N THR A 276 -5.70 24.12 15.40
CA THR A 276 -4.55 25.00 15.46
C THR A 276 -3.69 24.70 16.65
N THR A 277 -3.93 23.60 17.40
CA THR A 277 -3.08 23.22 18.52
C THR A 277 -1.75 22.77 17.99
N MET A 278 -0.69 22.95 18.79
CA MET A 278 0.68 22.76 18.36
C MET A 278 1.27 21.65 19.17
N THR A 279 0.44 20.92 19.98
CA THR A 279 0.93 19.87 20.83
C THR A 279 -0.08 18.77 20.79
N ASN A 280 0.39 17.52 20.53
CA ASN A 280 -0.38 16.30 20.53
C ASN A 280 -0.86 16.02 21.94
N THR A 281 -2.10 15.49 22.10
CA THR A 281 -2.62 15.13 23.39
C THR A 281 -1.92 13.83 23.84
N GLY B 8 -2.48 20.03 -28.97
CA GLY B 8 -3.12 21.08 -29.79
C GLY B 8 -3.92 21.97 -28.90
N TYR B 9 -3.52 23.26 -28.81
CA TYR B 9 -4.17 24.29 -28.02
C TYR B 9 -4.34 23.87 -26.58
N SER B 10 -5.52 24.16 -25.99
CA SER B 10 -5.90 23.85 -24.63
C SER B 10 -5.92 22.37 -24.33
N ASP B 11 -5.62 22.01 -23.05
CA ASP B 11 -5.56 20.65 -22.54
C ASP B 11 -6.86 20.30 -21.87
N ARG B 12 -7.83 21.25 -21.88
CA ARG B 12 -9.17 21.05 -21.39
C ARG B 12 -9.83 19.95 -22.21
N ALA B 13 -9.51 19.88 -23.52
CA ALA B 13 -10.03 18.91 -24.42
C ALA B 13 -9.30 17.59 -24.33
N ARG B 14 -10.02 16.50 -24.65
CA ARG B 14 -9.50 15.15 -24.71
C ARG B 14 -10.53 14.46 -25.55
N SER B 15 -10.17 13.33 -26.19
CA SER B 15 -11.14 12.60 -26.96
C SER B 15 -10.62 11.20 -27.05
N ILE B 16 -11.37 10.23 -26.52
CA ILE B 16 -10.95 8.86 -26.48
C ILE B 16 -11.93 8.12 -27.32
N THR B 17 -11.45 7.54 -28.44
CA THR B 17 -12.23 6.82 -29.40
C THR B 17 -11.79 5.40 -29.28
N LEU B 18 -12.71 4.49 -28.94
CA LEU B 18 -12.39 3.10 -28.89
C LEU B 18 -13.54 2.45 -29.57
N GLY B 19 -13.30 2.03 -30.83
CA GLY B 19 -14.26 1.32 -31.60
C GLY B 19 -15.29 2.21 -32.19
N ASN B 20 -16.53 2.14 -31.64
CA ASN B 20 -17.64 2.87 -32.17
C ASN B 20 -17.91 4.08 -31.36
N SER B 21 -17.76 3.98 -30.02
CA SER B 21 -18.11 5.05 -29.14
C SER B 21 -16.92 5.89 -28.84
N THR B 22 -17.17 7.20 -28.75
CA THR B 22 -16.18 8.19 -28.48
C THR B 22 -16.70 8.87 -27.28
N ILE B 23 -15.78 9.36 -26.44
CA ILE B 23 -16.11 10.13 -25.29
C ILE B 23 -15.26 11.30 -25.57
N THR B 24 -15.89 12.48 -25.69
CA THR B 24 -15.20 13.74 -25.82
C THR B 24 -15.52 14.42 -24.53
N THR B 25 -14.66 15.33 -24.06
CA THR B 25 -15.01 16.12 -22.91
C THR B 25 -14.44 17.47 -23.24
N GLN B 26 -15.27 18.51 -23.03
CA GLN B 26 -14.97 19.91 -23.25
C GLN B 26 -13.88 20.36 -22.33
N GLU B 27 -13.95 19.93 -21.05
CA GLU B 27 -13.07 20.42 -20.03
C GLU B 27 -12.75 19.30 -19.09
N CYS B 28 -11.46 19.14 -18.76
CA CYS B 28 -10.98 18.15 -17.84
C CYS B 28 -9.51 18.41 -17.67
N ALA B 29 -8.72 17.35 -17.39
CA ALA B 29 -7.29 17.40 -17.30
C ALA B 29 -6.73 16.20 -18.01
N ASN B 30 -5.45 15.89 -17.71
CA ASN B 30 -4.70 14.77 -18.23
C ASN B 30 -5.32 13.44 -17.90
N VAL B 31 -5.01 12.45 -18.77
CA VAL B 31 -5.30 11.04 -18.61
C VAL B 31 -4.21 10.48 -17.74
N VAL B 32 -4.58 9.72 -16.70
CA VAL B 32 -3.67 9.04 -15.81
C VAL B 32 -3.45 7.66 -16.36
N VAL B 33 -2.23 7.37 -16.84
CA VAL B 33 -1.89 6.07 -17.39
C VAL B 33 -1.32 5.18 -16.35
N GLY B 34 -2.07 4.10 -16.01
CA GLY B 34 -1.73 2.99 -15.15
C GLY B 34 -0.68 3.22 -14.12
N TYR B 35 0.32 2.29 -14.08
CA TYR B 35 1.47 2.41 -13.24
C TYR B 35 2.61 2.85 -14.09
N GLY B 36 2.35 3.07 -15.39
CA GLY B 36 3.32 3.50 -16.36
C GLY B 36 3.23 2.60 -17.55
N VAL B 37 2.22 1.69 -17.57
CA VAL B 37 2.04 0.69 -18.58
C VAL B 37 0.65 0.91 -19.15
N TRP B 38 0.51 0.76 -20.48
CA TRP B 38 -0.72 0.89 -21.20
C TRP B 38 -1.07 -0.53 -21.59
N PRO B 39 -2.30 -1.04 -21.43
CA PRO B 39 -2.66 -2.41 -21.78
C PRO B 39 -2.35 -2.77 -23.20
N ASP B 40 -1.63 -3.88 -23.41
CA ASP B 40 -1.26 -4.40 -24.70
C ASP B 40 -1.50 -5.86 -24.57
N TYR B 41 -1.52 -6.58 -25.72
CA TYR B 41 -1.67 -8.01 -25.80
C TYR B 41 -0.53 -8.72 -25.14
N LEU B 42 -0.81 -9.93 -24.59
CA LEU B 42 0.15 -10.75 -23.92
C LEU B 42 0.97 -11.46 -24.97
N LYS B 43 2.31 -11.43 -24.80
CA LYS B 43 3.25 -11.94 -25.77
C LYS B 43 3.42 -13.41 -25.49
N ASP B 44 4.23 -14.11 -26.31
CA ASP B 44 4.43 -15.53 -26.18
C ASP B 44 5.29 -15.88 -24.98
N SER B 45 6.06 -14.91 -24.43
CA SER B 45 6.95 -15.16 -23.32
C SER B 45 6.26 -14.96 -22.00
N GLU B 46 4.91 -14.96 -22.00
CA GLU B 46 4.11 -14.78 -20.82
C GLU B 46 2.91 -15.67 -20.97
N ALA B 47 2.58 -16.08 -22.22
CA ALA B 47 1.45 -16.91 -22.55
C ALA B 47 1.55 -18.26 -21.90
N THR B 48 0.65 -18.52 -20.93
CA THR B 48 0.64 -19.78 -20.23
C THR B 48 -0.31 -20.71 -20.92
N ALA B 49 -1.37 -20.17 -21.58
CA ALA B 49 -2.33 -20.96 -22.33
C ALA B 49 -1.67 -21.58 -23.51
N GLU B 50 -2.11 -22.81 -23.88
CA GLU B 50 -1.55 -23.54 -24.97
C GLU B 50 -2.51 -23.52 -26.13
N ASP B 51 -3.77 -23.07 -25.88
CA ASP B 51 -4.82 -22.99 -26.85
C ASP B 51 -4.69 -21.69 -27.63
N GLN B 52 -5.55 -21.50 -28.66
CA GLN B 52 -5.56 -20.37 -29.54
C GLN B 52 -6.52 -19.34 -29.02
N PRO B 53 -6.14 -18.08 -28.81
CA PRO B 53 -7.06 -17.08 -28.28
C PRO B 53 -7.81 -16.42 -29.37
N THR B 54 -8.97 -15.83 -29.02
CA THR B 54 -9.79 -15.09 -29.94
C THR B 54 -9.31 -13.66 -29.91
N GLN B 55 -9.86 -12.83 -30.81
CA GLN B 55 -9.57 -11.42 -30.85
C GLN B 55 -10.93 -10.78 -30.96
N PRO B 56 -11.48 -10.17 -29.92
CA PRO B 56 -12.79 -9.56 -29.97
C PRO B 56 -12.75 -8.29 -30.78
N ASP B 57 -11.62 -7.57 -30.70
CA ASP B 57 -11.35 -6.32 -31.35
C ASP B 57 -12.43 -5.30 -31.06
N VAL B 58 -12.87 -4.51 -32.06
CA VAL B 58 -13.88 -3.50 -31.88
C VAL B 58 -15.22 -4.15 -31.96
N ALA B 59 -15.79 -4.45 -30.78
CA ALA B 59 -17.10 -5.02 -30.60
C ALA B 59 -17.16 -5.46 -29.16
N THR B 60 -16.06 -5.19 -28.42
CA THR B 60 -15.90 -5.57 -27.04
C THR B 60 -14.79 -4.63 -26.60
N CYS B 61 -14.89 -3.34 -27.00
CA CYS B 61 -13.92 -2.32 -26.68
C CYS B 61 -14.63 -1.01 -26.77
N ARG B 62 -15.97 -1.03 -26.79
CA ARG B 62 -16.76 0.14 -26.75
C ARG B 62 -16.93 0.51 -25.31
N PHE B 63 -17.25 1.79 -25.05
CA PHE B 63 -17.50 2.32 -23.75
C PHE B 63 -18.87 1.94 -23.30
N TYR B 64 -18.93 0.93 -22.42
CA TYR B 64 -20.10 0.41 -21.77
C TYR B 64 -20.46 1.31 -20.65
N THR B 65 -21.62 1.98 -20.74
CA THR B 65 -22.05 2.96 -19.77
C THR B 65 -22.86 2.24 -18.73
N LEU B 66 -22.26 2.08 -17.53
CA LEU B 66 -22.83 1.44 -16.37
C LEU B 66 -23.89 2.32 -15.78
N ASP B 67 -24.48 1.87 -14.64
CA ASP B 67 -25.55 2.58 -13.98
C ASP B 67 -25.06 3.92 -13.47
N SER B 68 -25.90 4.96 -13.56
CA SER B 68 -25.63 6.25 -12.98
C SER B 68 -26.10 6.18 -11.56
N VAL B 69 -25.46 6.93 -10.64
CA VAL B 69 -25.88 6.98 -9.27
C VAL B 69 -25.94 8.46 -8.96
N GLN B 70 -26.84 8.88 -8.04
CA GLN B 70 -27.07 10.27 -7.72
C GLN B 70 -26.29 10.61 -6.49
N TRP B 71 -25.47 11.67 -6.60
CA TRP B 71 -24.67 12.20 -5.52
C TRP B 71 -25.55 13.12 -4.74
N GLN B 72 -25.77 12.82 -3.45
CA GLN B 72 -26.56 13.62 -2.54
C GLN B 72 -25.64 14.67 -1.98
N LYS B 73 -26.17 15.60 -1.15
CA LYS B 73 -25.35 16.62 -0.53
C LYS B 73 -24.32 16.00 0.36
N THR B 74 -24.72 14.95 1.12
CA THR B 74 -23.82 14.15 1.93
C THR B 74 -24.13 12.75 1.50
N SER B 75 -23.12 12.01 1.02
CA SER B 75 -23.34 10.69 0.47
C SER B 75 -22.10 9.94 0.85
N PRO B 76 -22.13 8.65 1.11
CA PRO B 76 -20.96 7.95 1.61
C PRO B 76 -19.89 7.71 0.57
N GLY B 77 -20.22 7.08 -0.57
CA GLY B 77 -19.27 6.80 -1.61
C GLY B 77 -19.80 5.59 -2.31
N TRP B 78 -19.07 5.06 -3.32
CA TRP B 78 -19.57 3.97 -4.10
C TRP B 78 -18.42 3.15 -4.57
N TRP B 79 -18.70 1.93 -5.07
CA TRP B 79 -17.69 1.08 -5.61
C TRP B 79 -18.40 0.20 -6.60
N TRP B 80 -17.72 -0.20 -7.69
CA TRP B 80 -18.21 -1.12 -8.69
C TRP B 80 -17.09 -2.08 -8.93
N LYS B 81 -17.30 -3.41 -8.80
CA LYS B 81 -16.28 -4.38 -9.18
C LYS B 81 -16.16 -4.35 -10.68
N LEU B 82 -14.99 -4.73 -11.24
CA LEU B 82 -14.71 -4.47 -12.64
C LEU B 82 -15.10 -5.57 -13.58
N PRO B 83 -14.77 -6.83 -13.42
CA PRO B 83 -15.28 -7.86 -14.33
C PRO B 83 -16.73 -8.20 -14.06
N ASP B 84 -17.37 -7.61 -13.01
CA ASP B 84 -18.70 -8.00 -12.59
C ASP B 84 -19.62 -6.82 -12.68
N ALA B 85 -19.22 -5.76 -13.40
CA ALA B 85 -20.09 -4.67 -13.71
C ALA B 85 -20.38 -4.77 -15.18
N LEU B 86 -19.63 -5.62 -15.90
CA LEU B 86 -19.69 -5.73 -17.34
C LEU B 86 -20.15 -7.11 -17.66
N SER B 87 -20.69 -7.86 -16.67
CA SER B 87 -21.11 -9.23 -16.85
C SER B 87 -22.54 -9.29 -17.27
N ASN B 88 -23.08 -8.17 -17.78
CA ASN B 88 -24.43 -8.09 -18.22
C ASN B 88 -24.36 -7.44 -19.56
N LEU B 89 -23.72 -6.25 -19.63
CA LEU B 89 -23.58 -5.48 -20.84
C LEU B 89 -22.84 -6.19 -21.93
N GLY B 90 -23.32 -5.98 -23.17
CA GLY B 90 -22.75 -6.36 -24.44
C GLY B 90 -22.11 -7.71 -24.52
N LEU B 91 -21.07 -7.81 -25.38
CA LEU B 91 -20.38 -9.04 -25.67
C LEU B 91 -19.32 -9.35 -24.66
N PHE B 92 -19.02 -8.42 -23.72
CA PHE B 92 -18.06 -8.67 -22.68
C PHE B 92 -18.68 -9.66 -21.73
N GLY B 93 -20.00 -9.51 -21.48
CA GLY B 93 -20.74 -10.34 -20.58
C GLY B 93 -20.91 -11.71 -21.15
N GLN B 94 -20.94 -11.86 -22.50
CA GLN B 94 -20.99 -13.16 -23.13
C GLN B 94 -19.69 -13.90 -23.05
N ASN B 95 -18.61 -13.26 -23.50
CA ASN B 95 -17.31 -13.86 -23.65
C ASN B 95 -16.73 -14.41 -22.40
N MET B 96 -16.94 -13.74 -21.25
CA MET B 96 -16.40 -14.19 -19.99
C MET B 96 -17.06 -15.48 -19.56
N GLN B 97 -18.30 -15.74 -20.07
CA GLN B 97 -19.05 -16.92 -19.73
C GLN B 97 -18.77 -18.07 -20.63
N TYR B 98 -18.51 -17.83 -21.94
CA TYR B 98 -18.13 -18.90 -22.84
C TYR B 98 -16.67 -19.26 -22.77
N HIS B 99 -15.85 -18.41 -22.17
CA HIS B 99 -14.42 -18.66 -22.10
C HIS B 99 -13.92 -18.81 -20.66
N TYR B 100 -13.10 -19.83 -20.43
CA TYR B 100 -12.51 -20.10 -19.15
C TYR B 100 -11.56 -19.00 -18.71
N LEU B 101 -10.68 -18.54 -19.61
CA LEU B 101 -9.66 -17.58 -19.29
C LEU B 101 -9.94 -16.33 -20.06
N GLY B 102 -9.55 -15.17 -19.48
CA GLY B 102 -9.77 -13.90 -20.08
C GLY B 102 -8.70 -13.00 -19.56
N ARG B 103 -8.38 -11.92 -20.30
CA ARG B 103 -7.32 -11.03 -19.95
C ARG B 103 -7.80 -9.72 -20.44
N THR B 104 -7.71 -8.64 -19.62
CA THR B 104 -8.30 -7.40 -20.01
C THR B 104 -7.50 -6.28 -19.40
N GLY B 105 -7.68 -5.09 -19.98
CA GLY B 105 -7.21 -3.82 -19.49
C GLY B 105 -8.46 -3.01 -19.49
N TYR B 106 -8.42 -1.75 -19.01
CA TYR B 106 -9.62 -0.97 -18.93
C TYR B 106 -9.29 0.44 -19.22
N THR B 107 -10.34 1.21 -19.53
CA THR B 107 -10.31 2.63 -19.56
C THR B 107 -11.49 2.93 -18.70
N VAL B 108 -11.25 3.29 -17.43
CA VAL B 108 -12.30 3.63 -16.52
C VAL B 108 -12.40 5.10 -16.58
N HIS B 109 -13.53 5.59 -17.11
CA HIS B 109 -13.76 7.01 -17.25
C HIS B 109 -15.00 7.42 -16.48
N VAL B 110 -14.78 8.13 -15.38
CA VAL B 110 -15.85 8.59 -14.51
C VAL B 110 -16.14 10.00 -14.88
N GLN B 111 -17.40 10.33 -15.24
CA GLN B 111 -17.76 11.65 -15.70
C GLN B 111 -18.83 12.19 -14.81
N CYS B 112 -18.64 13.43 -14.34
CA CYS B 112 -19.61 14.10 -13.52
C CYS B 112 -19.44 15.57 -13.81
N ASN B 113 -20.55 16.27 -14.13
CA ASN B 113 -20.55 17.68 -14.43
C ASN B 113 -21.17 18.39 -13.27
N ALA B 114 -20.92 19.70 -13.13
CA ALA B 114 -21.57 20.49 -12.13
C ALA B 114 -21.48 21.90 -12.59
N SER B 115 -22.33 22.78 -12.01
CA SER B 115 -22.33 24.19 -12.34
C SER B 115 -21.19 24.83 -11.60
N LYS B 116 -20.94 26.12 -11.86
CA LYS B 116 -19.85 26.84 -11.27
C LYS B 116 -20.25 27.49 -9.97
N PHE B 117 -21.39 27.08 -9.39
CA PHE B 117 -21.84 27.54 -8.10
C PHE B 117 -21.95 26.34 -7.18
N HIS B 118 -21.46 25.20 -7.66
CA HIS B 118 -21.44 23.97 -6.89
C HIS B 118 -19.98 23.65 -6.53
N GLN B 119 -19.79 22.90 -5.46
CA GLN B 119 -18.46 22.54 -5.01
C GLN B 119 -18.57 21.13 -4.55
N GLY B 120 -17.43 20.42 -4.52
CA GLY B 120 -17.41 19.05 -4.11
C GLY B 120 -16.21 18.49 -4.76
N CYS B 121 -15.80 17.28 -4.35
CA CYS B 121 -14.54 16.76 -4.80
C CYS B 121 -14.61 15.28 -4.57
N LEU B 122 -14.47 14.49 -5.65
CA LEU B 122 -14.50 13.06 -5.60
C LEU B 122 -13.08 12.64 -5.72
N LEU B 123 -12.74 11.48 -5.11
CA LEU B 123 -11.50 10.81 -5.31
C LEU B 123 -11.89 9.65 -6.17
N VAL B 124 -11.24 9.46 -7.33
CA VAL B 124 -11.48 8.32 -8.18
C VAL B 124 -10.24 7.47 -8.14
N VAL B 125 -10.24 6.34 -7.39
CA VAL B 125 -9.13 5.40 -7.31
C VAL B 125 -9.61 4.14 -7.95
N CYS B 126 -8.66 3.23 -8.29
CA CYS B 126 -8.92 1.92 -8.80
C CYS B 126 -8.01 1.04 -8.03
N VAL B 127 -8.56 0.29 -7.05
CA VAL B 127 -7.84 -0.56 -6.13
C VAL B 127 -7.75 -1.93 -6.76
N PRO B 128 -6.63 -2.45 -7.26
CA PRO B 128 -6.52 -3.82 -7.68
C PRO B 128 -6.50 -4.73 -6.48
N GLU B 129 -7.40 -5.73 -6.42
CA GLU B 129 -7.43 -6.75 -5.41
C GLU B 129 -8.00 -6.20 -4.13
N ALA B 130 -9.23 -5.66 -4.18
CA ALA B 130 -9.83 -5.11 -3.00
C ALA B 130 -10.55 -6.23 -2.33
N GLU B 131 -9.97 -6.76 -1.23
CA GLU B 131 -10.54 -7.87 -0.52
C GLU B 131 -11.23 -7.26 0.65
N MET B 132 -12.57 -7.24 0.64
CA MET B 132 -13.35 -6.56 1.65
C MET B 132 -13.51 -7.43 2.87
N GLY B 133 -13.54 -6.78 4.06
CA GLY B 133 -13.80 -7.40 5.34
C GLY B 133 -15.26 -7.72 5.48
N CYS B 134 -15.73 -7.96 6.72
CA CYS B 134 -17.09 -8.34 6.94
C CYS B 134 -17.44 -7.83 8.30
N ALA B 135 -18.75 -7.50 8.48
CA ALA B 135 -19.34 -7.02 9.70
C ALA B 135 -19.20 -8.02 10.80
N THR B 136 -19.39 -9.33 10.46
CA THR B 136 -19.16 -10.42 11.36
C THR B 136 -17.71 -10.79 11.18
N LEU B 137 -16.98 -10.92 12.29
CA LEU B 137 -15.54 -10.99 12.35
C LEU B 137 -15.04 -12.41 12.19
N ASP B 138 -15.81 -13.28 11.49
CA ASP B 138 -15.47 -14.67 11.37
C ASP B 138 -16.24 -15.26 10.22
N ASN B 139 -17.01 -14.41 9.47
CA ASN B 139 -17.75 -14.83 8.31
C ASN B 139 -17.18 -14.06 7.17
N THR B 140 -17.32 -14.59 5.93
CA THR B 140 -16.91 -13.93 4.74
C THR B 140 -18.14 -13.23 4.18
N PRO B 141 -18.00 -12.23 3.30
CA PRO B 141 -19.09 -11.59 2.60
C PRO B 141 -19.93 -12.54 1.80
N SER B 142 -21.15 -12.12 1.37
CA SER B 142 -21.95 -12.83 0.40
C SER B 142 -21.47 -12.40 -0.97
N SER B 143 -21.99 -13.02 -2.04
CA SER B 143 -21.61 -12.69 -3.39
C SER B 143 -22.62 -11.78 -4.04
N ALA B 144 -23.60 -11.27 -3.25
CA ALA B 144 -24.68 -10.46 -3.77
C ALA B 144 -24.70 -9.13 -3.06
N GLU B 145 -23.82 -8.93 -2.06
CA GLU B 145 -23.69 -7.69 -1.34
C GLU B 145 -22.37 -7.15 -1.73
N LEU B 146 -21.36 -8.03 -1.77
CA LEU B 146 -20.02 -7.72 -2.15
C LEU B 146 -19.89 -7.23 -3.55
N LEU B 147 -20.62 -7.86 -4.50
CA LEU B 147 -20.54 -7.54 -5.91
C LEU B 147 -21.67 -6.63 -6.24
N GLY B 148 -21.50 -5.93 -7.38
CA GLY B 148 -22.55 -5.16 -7.98
C GLY B 148 -23.28 -6.10 -8.89
N GLY B 149 -24.04 -5.51 -9.84
CA GLY B 149 -24.69 -6.21 -10.91
C GLY B 149 -24.66 -5.27 -12.08
N ASP B 150 -23.73 -4.28 -11.98
CA ASP B 150 -23.49 -3.14 -12.82
C ASP B 150 -24.04 -1.95 -12.08
N THR B 151 -24.69 -2.20 -10.91
CA THR B 151 -25.21 -1.18 -10.04
C THR B 151 -24.11 -0.76 -9.09
N ALA B 152 -24.18 0.50 -8.63
CA ALA B 152 -23.30 1.03 -7.63
C ALA B 152 -23.73 0.52 -6.29
N LYS B 153 -22.78 -0.06 -5.53
CA LYS B 153 -23.00 -0.39 -4.14
C LYS B 153 -22.45 0.80 -3.43
N GLU B 154 -23.08 1.23 -2.32
CA GLU B 154 -22.66 2.42 -1.61
C GLU B 154 -22.30 2.00 -0.22
N PHE B 155 -21.36 2.74 0.43
CA PHE B 155 -20.89 2.44 1.77
C PHE B 155 -21.87 3.06 2.76
N ALA B 156 -21.39 3.46 3.96
CA ALA B 156 -22.19 4.07 4.97
C ALA B 156 -21.22 4.79 5.84
N ASP B 157 -21.67 5.69 6.75
CA ASP B 157 -20.77 6.49 7.56
C ASP B 157 -20.73 5.99 8.98
N LYS B 158 -21.51 4.93 9.29
CA LYS B 158 -21.59 4.39 10.62
C LYS B 158 -21.21 2.95 10.43
N PRO B 159 -20.54 2.28 11.37
CA PRO B 159 -20.22 0.87 11.29
C PRO B 159 -21.42 0.00 11.05
N VAL B 160 -21.30 -1.04 10.19
CA VAL B 160 -22.37 -2.00 10.00
C VAL B 160 -22.37 -2.89 11.21
N ALA B 161 -23.52 -2.97 11.90
CA ALA B 161 -23.68 -3.74 13.12
C ALA B 161 -23.42 -5.20 12.91
N SER B 162 -22.79 -5.85 13.93
CA SER B 162 -22.38 -7.24 13.85
C SER B 162 -23.51 -8.10 14.35
N GLY B 163 -23.54 -9.35 13.86
CA GLY B 163 -24.53 -10.32 14.24
C GLY B 163 -24.01 -11.58 13.67
N SER B 164 -24.84 -12.25 12.84
CA SER B 164 -24.47 -13.44 12.12
C SER B 164 -24.54 -13.13 10.65
N ASN B 165 -24.85 -11.85 10.30
CA ASN B 165 -25.00 -11.37 8.94
C ASN B 165 -23.71 -11.49 8.17
N LYS B 166 -23.80 -11.71 6.85
CA LYS B 166 -22.65 -11.77 5.99
C LYS B 166 -22.56 -10.54 5.14
N LEU B 167 -23.22 -9.43 5.55
CA LEU B 167 -23.09 -8.19 4.84
C LEU B 167 -21.73 -7.61 5.09
N VAL B 168 -21.14 -6.98 4.05
CA VAL B 168 -19.82 -6.37 4.03
C VAL B 168 -19.74 -5.28 5.07
N GLN B 169 -18.54 -5.06 5.66
CA GLN B 169 -18.29 -3.95 6.55
C GLN B 169 -18.11 -2.73 5.70
N ARG B 170 -18.98 -1.73 5.87
CA ARG B 170 -19.03 -0.57 5.01
C ARG B 170 -18.94 0.67 5.83
N VAL B 171 -17.78 1.32 5.77
CA VAL B 171 -17.51 2.56 6.44
C VAL B 171 -16.58 3.25 5.50
N VAL B 172 -16.88 4.52 5.13
CA VAL B 172 -16.12 5.27 4.15
C VAL B 172 -14.67 5.41 4.53
N TYR B 173 -14.42 5.76 5.80
CA TYR B 173 -13.12 6.06 6.36
C TYR B 173 -12.16 4.90 6.48
N ASN B 174 -12.65 3.64 6.33
CA ASN B 174 -11.78 2.48 6.36
C ASN B 174 -11.86 1.81 5.02
N ALA B 175 -12.73 2.31 4.12
CA ALA B 175 -12.84 1.89 2.76
C ALA B 175 -13.31 0.47 2.61
N GLY B 176 -13.86 -0.13 3.68
CA GLY B 176 -14.31 -1.51 3.68
C GLY B 176 -13.19 -2.51 3.51
N MET B 177 -11.93 -2.16 3.88
CA MET B 177 -10.80 -3.02 3.68
C MET B 177 -9.95 -2.98 4.90
N GLY B 178 -10.12 -1.94 5.74
CA GLY B 178 -9.38 -1.78 6.95
C GLY B 178 -8.09 -1.05 6.69
N VAL B 179 -8.10 -0.10 5.73
CA VAL B 179 -6.97 0.74 5.46
C VAL B 179 -7.53 2.11 5.50
N GLY B 180 -6.73 3.09 5.98
CA GLY B 180 -7.14 4.48 6.02
C GLY B 180 -7.44 4.97 4.64
N VAL B 181 -8.59 5.67 4.49
CA VAL B 181 -9.12 6.14 3.23
C VAL B 181 -8.21 7.14 2.56
N GLY B 182 -7.43 7.88 3.37
CA GLY B 182 -6.57 8.95 2.92
C GLY B 182 -5.35 8.45 2.24
N ASN B 183 -5.06 7.13 2.34
CA ASN B 183 -3.87 6.57 1.77
C ASN B 183 -4.17 5.87 0.47
N LEU B 184 -5.44 5.88 -0.01
CA LEU B 184 -5.81 5.20 -1.24
C LEU B 184 -5.20 5.74 -2.51
N THR B 185 -4.56 6.91 -2.45
CA THR B 185 -3.96 7.61 -3.57
C THR B 185 -2.73 6.98 -4.18
N ILE B 186 -2.18 5.92 -3.61
CA ILE B 186 -1.00 5.29 -4.21
C ILE B 186 -1.38 4.77 -5.59
N PHE B 187 -2.47 4.01 -5.62
CA PHE B 187 -3.06 3.42 -6.79
C PHE B 187 -3.36 4.48 -7.80
N PRO B 188 -3.32 4.24 -9.11
CA PRO B 188 -3.58 5.25 -10.13
C PRO B 188 -4.91 5.88 -9.87
N HIS B 189 -5.04 7.18 -10.00
CA HIS B 189 -6.33 7.77 -9.75
C HIS B 189 -6.37 9.14 -10.34
N GLN B 190 -7.28 9.94 -9.82
CA GLN B 190 -7.43 11.29 -10.29
C GLN B 190 -8.47 11.81 -9.36
N TRP B 191 -8.72 13.13 -9.38
CA TRP B 191 -9.72 13.74 -8.55
C TRP B 191 -10.64 14.40 -9.51
N ILE B 192 -11.93 14.49 -9.14
CA ILE B 192 -12.92 15.19 -9.92
C ILE B 192 -13.35 16.27 -9.02
N ASN B 193 -12.49 17.31 -8.92
CA ASN B 193 -12.79 18.53 -8.20
C ASN B 193 -13.73 19.34 -9.06
N LEU B 194 -14.99 19.57 -8.59
CA LEU B 194 -16.03 20.25 -9.32
C LEU B 194 -15.77 21.69 -9.60
N ARG B 195 -14.77 22.28 -8.91
CA ARG B 195 -14.30 23.63 -9.13
C ARG B 195 -13.81 23.79 -10.56
N THR B 196 -13.14 22.74 -11.09
CA THR B 196 -12.54 22.74 -12.40
C THR B 196 -11.94 21.37 -12.53
N ASN B 197 -12.36 20.61 -13.58
CA ASN B 197 -11.97 19.25 -13.90
C ASN B 197 -13.17 18.38 -13.68
N ASN B 198 -13.79 17.89 -14.78
CA ASN B 198 -15.09 17.24 -14.72
C ASN B 198 -15.07 15.83 -15.20
N SER B 199 -13.91 15.14 -15.13
CA SER B 199 -13.89 13.75 -15.47
C SER B 199 -12.60 13.21 -14.93
N ALA B 200 -12.52 11.88 -14.77
CA ALA B 200 -11.32 11.20 -14.40
C ALA B 200 -11.16 10.12 -15.42
N THR B 201 -9.94 9.93 -15.93
CA THR B 201 -9.64 8.90 -16.88
C THR B 201 -8.50 8.16 -16.27
N ILE B 202 -8.66 6.85 -16.07
CA ILE B 202 -7.67 6.04 -15.44
C ILE B 202 -7.56 4.87 -16.34
N VAL B 203 -6.36 4.64 -16.91
CA VAL B 203 -6.12 3.55 -17.83
C VAL B 203 -5.50 2.42 -17.06
N MET B 204 -6.25 1.35 -16.74
CA MET B 204 -5.72 0.22 -16.02
C MET B 204 -5.09 -0.76 -16.98
N PRO B 205 -3.87 -1.21 -16.79
CA PRO B 205 -3.31 -2.30 -17.56
C PRO B 205 -3.63 -3.55 -16.77
N TYR B 206 -3.61 -4.75 -17.41
CA TYR B 206 -3.88 -6.01 -16.75
C TYR B 206 -2.87 -6.23 -15.64
N THR B 207 -3.37 -6.44 -14.40
CA THR B 207 -2.53 -6.67 -13.25
C THR B 207 -2.98 -7.92 -12.55
N ASN B 208 -2.12 -8.97 -12.56
CA ASN B 208 -2.37 -10.19 -11.84
C ASN B 208 -1.08 -10.91 -11.67
N SER B 209 -1.09 -11.86 -10.71
CA SER B 209 -0.02 -12.75 -10.38
C SER B 209 0.14 -13.86 -11.39
N VAL B 210 -0.94 -14.20 -12.13
CA VAL B 210 -0.90 -15.21 -13.17
C VAL B 210 -1.13 -14.47 -14.46
N PRO B 211 -0.75 -14.97 -15.62
CA PRO B 211 -0.92 -14.24 -16.86
C PRO B 211 -2.36 -14.08 -17.32
N MET B 212 -3.29 -15.01 -17.01
CA MET B 212 -4.66 -14.93 -17.46
C MET B 212 -5.44 -15.62 -16.41
N ASP B 213 -6.68 -15.14 -16.11
CA ASP B 213 -7.46 -15.73 -15.04
C ASP B 213 -8.90 -15.58 -15.39
N ASN B 214 -9.75 -16.52 -14.89
CA ASN B 214 -11.20 -16.49 -15.02
C ASN B 214 -11.75 -15.25 -14.39
N MET B 215 -12.76 -14.63 -15.03
CA MET B 215 -13.27 -13.33 -14.66
C MET B 215 -14.61 -13.40 -14.01
N PHE B 216 -15.19 -14.60 -13.90
CA PHE B 216 -16.52 -14.76 -13.38
C PHE B 216 -16.40 -15.47 -12.07
N ARG B 217 -15.22 -15.32 -11.43
CA ARG B 217 -14.91 -15.91 -10.16
C ARG B 217 -13.86 -15.05 -9.50
N HIS B 218 -13.21 -14.13 -10.24
CA HIS B 218 -12.16 -13.32 -9.70
C HIS B 218 -12.34 -11.96 -10.27
N ASN B 219 -12.18 -10.93 -9.42
CA ASN B 219 -12.40 -9.56 -9.79
C ASN B 219 -11.11 -8.88 -9.53
N ASN B 220 -10.39 -8.54 -10.61
CA ASN B 220 -9.03 -8.08 -10.55
C ASN B 220 -8.91 -6.62 -10.19
N VAL B 221 -9.95 -5.78 -10.44
CA VAL B 221 -9.89 -4.38 -10.16
C VAL B 221 -11.17 -4.05 -9.47
N THR B 222 -11.19 -2.99 -8.62
CA THR B 222 -12.38 -2.51 -7.99
C THR B 222 -12.24 -1.03 -8.06
N LEU B 223 -13.17 -0.34 -8.75
CA LEU B 223 -13.25 1.09 -8.82
C LEU B 223 -13.96 1.58 -7.60
N MET B 224 -13.43 2.61 -6.91
CA MET B 224 -14.09 3.21 -5.77
C MET B 224 -14.11 4.67 -6.04
N VAL B 225 -15.28 5.33 -5.85
CA VAL B 225 -15.47 6.73 -6.07
C VAL B 225 -15.92 7.22 -4.73
N ILE B 226 -15.05 7.97 -4.01
CA ILE B 226 -15.32 8.39 -2.65
C ILE B 226 -15.37 9.90 -2.58
N PRO B 227 -16.46 10.60 -2.26
CA PRO B 227 -16.47 12.04 -2.09
C PRO B 227 -15.77 12.47 -0.82
N PHE B 228 -14.61 13.16 -0.91
CA PHE B 228 -13.85 13.67 0.21
C PHE B 228 -14.36 15.00 0.69
N VAL B 229 -14.93 15.82 -0.23
CA VAL B 229 -15.54 17.07 0.15
C VAL B 229 -16.97 16.91 -0.30
N PRO B 230 -17.97 16.83 0.58
CA PRO B 230 -19.38 16.66 0.23
C PRO B 230 -19.86 17.68 -0.76
N LEU B 231 -20.89 17.35 -1.59
CA LEU B 231 -21.45 18.28 -2.55
C LEU B 231 -22.14 19.34 -1.75
N ASP B 232 -22.02 20.60 -2.17
CA ASP B 232 -22.58 21.65 -1.37
C ASP B 232 -22.88 22.80 -2.29
N TYR B 233 -23.92 23.57 -1.94
CA TYR B 233 -24.38 24.67 -2.73
C TYR B 233 -25.32 25.46 -1.87
N CYS B 234 -25.94 26.49 -2.46
CA CYS B 234 -26.87 27.37 -1.82
C CYS B 234 -28.27 26.80 -2.01
N PRO B 235 -29.30 27.36 -1.37
CA PRO B 235 -30.69 26.98 -1.58
C PRO B 235 -31.16 27.24 -2.98
N GLY B 236 -31.98 26.33 -3.55
CA GLY B 236 -32.50 26.47 -4.90
C GLY B 236 -31.59 25.76 -5.83
N SER B 237 -31.48 26.29 -7.08
CA SER B 237 -30.66 25.72 -8.13
C SER B 237 -31.12 24.30 -8.44
N THR B 238 -30.20 23.42 -8.86
CA THR B 238 -30.48 22.04 -9.15
C THR B 238 -29.98 21.24 -7.98
N THR B 239 -30.60 20.08 -7.73
CA THR B 239 -30.35 19.27 -6.57
C THR B 239 -30.29 17.82 -6.98
N TYR B 240 -29.47 17.47 -8.00
CA TYR B 240 -29.41 16.11 -8.49
C TYR B 240 -28.30 16.14 -9.48
N VAL B 241 -27.05 15.93 -9.00
CA VAL B 241 -25.88 15.91 -9.83
C VAL B 241 -25.41 14.47 -9.94
N PRO B 242 -25.80 13.65 -10.91
CA PRO B 242 -25.39 12.26 -11.01
C PRO B 242 -23.94 12.10 -11.34
N ILE B 243 -23.40 10.88 -11.13
CA ILE B 243 -22.07 10.48 -11.49
C ILE B 243 -22.32 9.29 -12.38
N THR B 244 -21.80 9.35 -13.62
CA THR B 244 -22.00 8.33 -14.63
C THR B 244 -20.66 7.74 -14.95
N VAL B 245 -20.57 6.39 -14.97
CA VAL B 245 -19.35 5.66 -15.21
C VAL B 245 -19.43 5.04 -16.57
N THR B 246 -18.40 5.28 -17.41
CA THR B 246 -18.27 4.67 -18.70
C THR B 246 -16.98 3.90 -18.66
N ILE B 247 -17.02 2.55 -18.82
CA ILE B 247 -15.86 1.69 -18.74
C ILE B 247 -15.74 1.04 -20.08
N ALA B 248 -14.50 0.84 -20.58
CA ALA B 248 -14.29 0.19 -21.85
C ALA B 248 -13.23 -0.85 -21.65
N PRO B 249 -13.44 -2.12 -21.93
CA PRO B 249 -12.39 -3.13 -22.02
C PRO B 249 -11.37 -2.75 -23.06
N MET B 250 -10.11 -3.17 -22.88
CA MET B 250 -9.07 -2.74 -23.75
C MET B 250 -8.10 -3.86 -23.87
N CYS B 251 -7.89 -4.38 -25.10
CA CYS B 251 -7.00 -5.48 -25.38
C CYS B 251 -7.49 -6.75 -24.74
N ALA B 252 -8.77 -7.10 -25.01
CA ALA B 252 -9.37 -8.31 -24.50
C ALA B 252 -8.80 -9.50 -25.24
N GLU B 253 -8.72 -10.66 -24.58
CA GLU B 253 -8.16 -11.87 -25.15
C GLU B 253 -8.68 -12.97 -24.29
N TYR B 254 -9.23 -14.03 -24.90
CA TYR B 254 -9.79 -15.14 -24.17
C TYR B 254 -9.18 -16.41 -24.63
N ASN B 255 -9.45 -17.56 -23.96
CA ASN B 255 -8.91 -18.85 -24.32
C ASN B 255 -9.79 -19.88 -23.67
N GLY B 256 -9.73 -21.13 -24.19
CA GLY B 256 -10.42 -22.29 -23.68
C GLY B 256 -11.91 -22.15 -23.82
N LEU B 257 -12.42 -22.30 -25.05
CA LEU B 257 -13.80 -22.14 -25.42
C LEU B 257 -14.70 -23.22 -24.88
N ARG B 258 -15.13 -23.09 -23.61
CA ARG B 258 -15.99 -24.02 -22.94
C ARG B 258 -17.42 -23.78 -23.37
N LEU B 259 -18.37 -23.78 -22.42
CA LEU B 259 -19.77 -23.58 -22.66
C LEU B 259 -20.25 -22.63 -21.59
N ALA B 260 -21.49 -22.13 -21.73
CA ALA B 260 -22.09 -21.18 -20.81
C ALA B 260 -22.12 -21.70 -19.41
N GLY B 261 -21.78 -20.82 -18.44
CA GLY B 261 -21.72 -21.23 -17.06
C GLY B 261 -21.94 -20.04 -16.19
N HIS B 262 -21.49 -20.19 -14.92
CA HIS B 262 -21.68 -19.23 -13.86
C HIS B 262 -20.33 -18.61 -13.49
N GLY C 1 43.65 -31.87 7.68
CA GLY C 1 43.27 -30.89 8.72
C GLY C 1 43.76 -29.54 8.34
N LEU C 2 42.89 -28.52 8.48
CA LEU C 2 43.20 -27.14 8.21
C LEU C 2 42.91 -26.46 9.50
N PRO C 3 43.89 -26.01 10.27
CA PRO C 3 43.69 -25.43 11.58
C PRO C 3 42.79 -24.23 11.57
N THR C 4 41.81 -24.15 12.51
CA THR C 4 40.90 -23.03 12.60
C THR C 4 40.64 -22.92 14.07
N MET C 5 40.32 -21.70 14.53
CA MET C 5 39.91 -21.47 15.88
C MET C 5 38.70 -20.62 15.78
N ASN C 6 37.57 -21.10 16.33
CA ASN C 6 36.31 -20.43 16.20
C ASN C 6 36.29 -19.16 17.00
N THR C 7 36.20 -18.00 16.31
CA THR C 7 36.10 -16.69 16.92
C THR C 7 34.75 -16.61 17.57
N PRO C 8 34.55 -15.95 18.70
CA PRO C 8 33.23 -15.74 19.26
C PRO C 8 32.36 -14.94 18.32
N GLY C 9 31.14 -15.45 18.05
CA GLY C 9 30.24 -14.90 17.09
C GLY C 9 29.58 -16.07 16.45
N SER C 10 30.19 -17.26 16.59
CA SER C 10 29.70 -18.50 16.03
C SER C 10 28.67 -19.09 16.95
N CYS C 11 27.79 -19.94 16.37
CA CYS C 11 26.74 -20.67 17.06
C CYS C 11 25.68 -19.76 17.62
N GLN C 12 25.26 -18.74 16.85
CA GLN C 12 24.22 -17.84 17.26
C GLN C 12 23.36 -17.68 16.06
N PHE C 13 22.13 -17.18 16.25
CA PHE C 13 21.23 -16.86 15.17
C PHE C 13 20.80 -15.45 15.40
N LEU C 14 21.11 -14.54 14.46
CA LEU C 14 20.63 -13.17 14.50
C LEU C 14 19.31 -13.15 13.79
N THR C 15 18.61 -12.01 13.88
CA THR C 15 17.32 -11.82 13.29
C THR C 15 17.48 -10.83 12.18
N SER C 16 18.72 -10.71 11.63
CA SER C 16 19.01 -9.75 10.59
C SER C 16 20.25 -10.24 9.87
N ASP C 17 20.64 -11.52 10.08
CA ASP C 17 21.77 -12.13 9.42
C ASP C 17 21.53 -12.35 7.95
N ASP C 18 22.55 -12.90 7.25
CA ASP C 18 22.50 -13.12 5.84
C ASP C 18 23.70 -13.96 5.55
N PHE C 19 23.46 -15.17 5.01
CA PHE C 19 24.48 -16.16 4.78
C PHE C 19 24.00 -17.04 3.67
N GLN C 20 24.89 -17.97 3.23
CA GLN C 20 24.59 -19.05 2.31
C GLN C 20 23.75 -20.03 3.10
N SER C 21 23.13 -21.04 2.44
CA SER C 21 22.30 -21.96 3.16
C SER C 21 22.27 -23.30 2.50
N PRO C 22 21.86 -24.38 3.16
CA PRO C 22 21.60 -25.64 2.49
C PRO C 22 20.20 -25.53 1.94
N SER C 23 19.91 -26.16 0.78
CA SER C 23 18.61 -26.08 0.18
C SER C 23 17.77 -27.20 0.74
N ALA C 24 16.45 -27.21 0.46
CA ALA C 24 15.53 -28.23 0.88
C ALA C 24 15.53 -29.26 -0.20
N MET C 25 14.64 -29.13 -1.22
CA MET C 25 14.59 -30.02 -2.35
C MET C 25 15.59 -29.46 -3.30
N PRO C 26 16.61 -30.17 -3.75
CA PRO C 26 17.64 -29.55 -4.56
C PRO C 26 17.30 -29.74 -6.00
N GLN C 27 17.64 -28.74 -6.84
CA GLN C 27 17.44 -28.73 -8.25
C GLN C 27 16.03 -28.36 -8.62
N TYR C 28 15.23 -27.78 -7.69
CA TYR C 28 13.87 -27.34 -7.96
C TYR C 28 13.92 -26.24 -9.00
N ASP C 29 13.04 -26.31 -10.02
CA ASP C 29 13.02 -25.36 -11.10
C ASP C 29 11.94 -24.37 -10.80
N VAL C 30 12.36 -23.14 -10.47
CA VAL C 30 11.52 -22.01 -10.14
C VAL C 30 10.71 -21.62 -11.34
N THR C 31 9.45 -21.17 -11.12
CA THR C 31 8.54 -20.74 -12.16
C THR C 31 9.11 -19.58 -12.95
N PRO C 32 8.72 -19.32 -14.20
CA PRO C 32 9.16 -18.18 -15.00
C PRO C 32 8.92 -16.83 -14.37
N GLU C 33 9.22 -15.74 -15.10
CA GLU C 33 9.04 -14.40 -14.62
C GLU C 33 8.17 -13.64 -15.58
N MET C 34 7.18 -12.91 -15.03
CA MET C 34 6.25 -12.09 -15.75
C MET C 34 6.65 -10.70 -15.38
N ARG C 35 6.35 -9.71 -16.24
CA ARG C 35 6.70 -8.33 -16.03
C ARG C 35 5.42 -7.66 -15.63
N ILE C 36 4.86 -8.02 -14.45
CA ILE C 36 3.60 -7.48 -14.01
C ILE C 36 3.73 -5.98 -13.73
N PRO C 37 2.87 -5.10 -14.26
CA PRO C 37 2.97 -3.65 -14.12
C PRO C 37 3.12 -3.11 -12.74
N GLY C 38 3.93 -2.03 -12.59
CA GLY C 38 4.01 -1.29 -11.37
C GLY C 38 4.97 -1.85 -10.39
N GLU C 39 6.12 -2.35 -10.87
CA GLU C 39 7.16 -2.89 -10.02
C GLU C 39 7.71 -1.85 -9.07
N VAL C 40 8.01 -2.27 -7.82
CA VAL C 40 8.54 -1.42 -6.78
C VAL C 40 9.92 -1.94 -6.53
N LYS C 41 10.90 -1.03 -6.36
CA LYS C 41 12.26 -1.41 -6.11
C LYS C 41 12.82 -0.61 -4.97
N ASN C 42 12.07 0.39 -4.44
CA ASN C 42 12.60 1.19 -3.38
C ASN C 42 11.39 1.73 -2.68
N LEU C 43 11.46 1.96 -1.34
CA LEU C 43 10.36 2.49 -0.56
C LEU C 43 10.12 3.95 -0.84
N MET C 44 11.09 4.64 -1.49
CA MET C 44 10.99 6.06 -1.80
C MET C 44 10.13 6.25 -3.02
N GLU C 45 9.79 5.14 -3.72
CA GLU C 45 8.86 5.18 -4.81
C GLU C 45 7.46 5.40 -4.27
N ILE C 46 7.19 4.81 -3.09
CA ILE C 46 5.91 4.82 -2.44
C ILE C 46 5.76 6.08 -1.61
N ALA C 47 6.88 6.55 -1.02
CA ALA C 47 6.89 7.65 -0.08
C ALA C 47 6.78 9.00 -0.73
N GLU C 48 7.06 9.09 -2.04
CA GLU C 48 7.01 10.33 -2.78
C GLU C 48 5.66 10.59 -3.40
N VAL C 49 4.61 9.83 -2.99
CA VAL C 49 3.27 9.96 -3.51
C VAL C 49 2.48 10.70 -2.46
N ASP C 50 1.55 11.57 -2.90
CA ASP C 50 0.63 12.33 -2.06
C ASP C 50 -0.27 11.42 -1.28
N SER C 51 -0.59 11.82 -0.03
CA SER C 51 -1.60 11.16 0.76
C SER C 51 -2.26 12.27 1.51
N VAL C 52 -3.60 12.21 1.64
CA VAL C 52 -4.41 13.18 2.33
C VAL C 52 -4.14 13.13 3.81
N VAL C 53 -3.87 14.30 4.41
CA VAL C 53 -3.52 14.47 5.79
C VAL C 53 -4.78 14.72 6.56
N PRO C 54 -5.11 14.02 7.64
CA PRO C 54 -6.32 14.28 8.39
C PRO C 54 -6.02 15.32 9.45
N VAL C 55 -5.84 16.60 9.02
CA VAL C 55 -5.44 17.70 9.85
C VAL C 55 -6.41 17.97 10.96
N GLN C 56 -7.72 18.05 10.64
CA GLN C 56 -8.75 18.31 11.63
C GLN C 56 -8.91 17.12 12.54
N ASN C 57 -9.03 17.36 13.86
CA ASN C 57 -9.28 16.36 14.85
C ASN C 57 -10.05 17.08 15.91
N VAL C 58 -11.02 16.39 16.56
CA VAL C 58 -11.72 16.92 17.70
C VAL C 58 -12.01 15.73 18.58
N GLY C 59 -12.97 14.88 18.14
CA GLY C 59 -13.35 13.73 18.91
C GLY C 59 -14.34 12.94 18.12
N GLU C 60 -14.86 13.52 17.01
CA GLU C 60 -15.75 12.87 16.10
C GLU C 60 -15.45 13.43 14.74
N LYS C 61 -14.31 14.14 14.63
CA LYS C 61 -13.76 14.64 13.40
C LYS C 61 -12.55 13.77 13.18
N VAL C 62 -12.65 12.49 13.62
CA VAL C 62 -11.58 11.55 13.61
C VAL C 62 -12.25 10.19 13.48
N ASN C 63 -13.52 10.16 12.98
CA ASN C 63 -14.26 8.93 12.78
C ASN C 63 -15.13 9.10 11.57
N SER C 64 -14.84 10.08 10.68
CA SER C 64 -15.70 10.36 9.55
C SER C 64 -14.80 10.91 8.49
N MET C 65 -15.39 11.45 7.40
CA MET C 65 -14.67 12.08 6.31
C MET C 65 -14.53 13.54 6.63
N GLU C 66 -14.83 13.94 7.88
CA GLU C 66 -14.66 15.27 8.35
C GLU C 66 -13.22 15.51 8.74
N ALA C 67 -12.46 14.43 9.00
CA ALA C 67 -11.08 14.51 9.40
C ALA C 67 -10.19 15.13 8.36
N TYR C 68 -10.41 14.82 7.06
CA TYR C 68 -9.52 15.20 5.98
C TYR C 68 -9.70 16.59 5.45
N GLN C 69 -10.89 17.18 5.66
CA GLN C 69 -11.23 18.50 5.18
C GLN C 69 -10.92 19.49 6.26
N ILE C 70 -10.34 20.64 5.87
CA ILE C 70 -9.95 21.71 6.76
C ILE C 70 -10.97 22.80 6.58
N PRO C 71 -11.85 23.14 7.52
CA PRO C 71 -12.89 24.13 7.32
C PRO C 71 -12.33 25.49 7.07
N VAL C 72 -12.82 26.16 6.02
CA VAL C 72 -12.42 27.49 5.69
C VAL C 72 -13.73 28.19 5.56
N ARG C 73 -13.81 29.41 6.10
CA ARG C 73 -15.00 30.20 6.02
C ARG C 73 -14.55 31.62 5.89
N SER C 74 -15.45 32.49 5.40
CA SER C 74 -15.20 33.91 5.29
C SER C 74 -15.35 34.50 6.67
N ASN C 75 -14.28 35.11 7.24
CA ASN C 75 -14.37 35.83 8.48
C ASN C 75 -13.86 37.21 8.18
N GLU C 76 -14.60 38.24 8.64
CA GLU C 76 -14.36 39.64 8.34
C GLU C 76 -13.01 40.16 8.74
N GLY C 77 -12.51 39.77 9.94
CA GLY C 77 -11.17 40.10 10.38
C GLY C 77 -10.21 39.13 9.75
N SER C 78 -9.16 39.63 9.08
CA SER C 78 -8.15 38.81 8.46
C SER C 78 -6.96 38.78 9.38
N GLY C 79 -6.39 37.58 9.56
CA GLY C 79 -5.28 37.32 10.43
C GLY C 79 -5.69 36.18 11.29
N THR C 80 -6.87 35.57 11.00
CA THR C 80 -7.38 34.40 11.66
C THR C 80 -6.57 33.24 11.18
N GLN C 81 -6.40 32.22 12.03
CA GLN C 81 -5.59 31.08 11.73
C GLN C 81 -6.48 30.02 11.15
N VAL C 82 -6.03 29.43 10.01
CA VAL C 82 -6.77 28.41 9.33
C VAL C 82 -6.47 27.07 9.98
N PHE C 83 -5.18 26.70 10.14
CA PHE C 83 -4.78 25.46 10.80
C PHE C 83 -3.40 25.66 11.36
N GLY C 84 -2.84 24.63 12.00
CA GLY C 84 -1.52 24.73 12.54
C GLY C 84 -1.21 23.43 13.18
N PHE C 85 -0.05 22.87 12.83
CA PHE C 85 0.40 21.60 13.33
C PHE C 85 1.91 21.63 13.24
N PRO C 86 2.64 20.97 14.10
CA PRO C 86 4.09 20.90 14.00
C PRO C 86 4.46 19.93 12.93
N LEU C 87 5.71 20.03 12.40
CA LEU C 87 6.20 19.10 11.43
C LEU C 87 7.02 18.18 12.25
N GLN C 88 6.55 16.95 12.46
CA GLN C 88 7.32 16.00 13.21
C GLN C 88 6.70 14.68 12.84
N PRO C 89 6.78 14.25 11.58
CA PRO C 89 6.13 13.05 11.09
C PRO C 89 6.51 11.83 11.89
N GLY C 90 5.60 10.85 12.01
CA GLY C 90 5.83 9.64 12.76
C GLY C 90 5.89 9.88 14.24
N TYR C 91 5.06 10.81 14.74
CA TYR C 91 4.98 11.13 16.14
C TYR C 91 3.80 12.04 16.23
N SER C 92 3.74 13.07 15.34
CA SER C 92 2.65 14.01 15.27
C SER C 92 1.41 13.25 14.95
N SER C 93 0.27 13.61 15.58
CA SER C 93 -0.94 12.85 15.47
C SER C 93 -1.74 13.29 14.27
N VAL C 94 -1.07 14.04 13.36
CA VAL C 94 -1.61 14.55 12.15
C VAL C 94 -1.02 13.76 11.03
N PHE C 95 0.25 13.30 11.17
CA PHE C 95 0.93 12.53 10.14
C PHE C 95 1.15 11.12 10.61
N SER C 96 0.53 10.68 11.72
CA SER C 96 0.82 9.39 12.27
C SER C 96 0.24 8.26 11.46
N ARG C 97 -0.84 8.52 10.68
CA ARG C 97 -1.51 7.50 9.91
C ARG C 97 -1.50 7.83 8.44
N THR C 98 -0.67 8.79 7.98
CA THR C 98 -0.58 9.12 6.56
C THR C 98 0.32 8.11 5.91
N LEU C 99 0.42 8.11 4.57
CA LEU C 99 1.30 7.20 3.86
C LEU C 99 2.75 7.47 4.14
N LEU C 100 3.17 8.76 4.20
CA LEU C 100 4.54 9.10 4.45
C LEU C 100 4.93 8.71 5.84
N GLY C 101 4.06 9.02 6.83
CA GLY C 101 4.32 8.77 8.21
C GLY C 101 4.36 7.32 8.55
N GLU C 102 3.57 6.47 7.87
CA GLU C 102 3.52 5.06 8.15
C GLU C 102 4.72 4.31 7.67
N ILE C 103 5.34 4.77 6.56
CA ILE C 103 6.62 4.25 6.11
C ILE C 103 7.67 4.72 7.07
N LEU C 104 7.56 5.96 7.57
CA LEU C 104 8.49 6.58 8.47
C LEU C 104 8.56 5.93 9.82
N ASN C 105 7.49 5.24 10.28
CA ASN C 105 7.52 4.62 11.60
C ASN C 105 8.31 3.34 11.61
N TYR C 106 8.77 2.83 10.44
CA TYR C 106 9.66 1.70 10.38
C TYR C 106 11.07 2.15 10.38
N TYR C 107 11.34 3.47 10.47
CA TYR C 107 12.70 3.98 10.44
C TYR C 107 12.84 4.87 11.60
N THR C 108 14.10 5.02 12.06
CA THR C 108 14.43 5.81 13.21
C THR C 108 14.91 7.14 12.72
N HIS C 109 15.54 7.20 11.52
CA HIS C 109 16.00 8.45 10.98
C HIS C 109 15.31 8.76 9.68
N TRP C 110 15.34 10.05 9.32
CA TRP C 110 14.73 10.56 8.12
C TRP C 110 15.48 11.81 7.83
N SER C 111 15.56 12.22 6.56
CA SER C 111 16.18 13.44 6.15
C SER C 111 15.56 13.75 4.83
N GLY C 112 15.34 15.04 4.54
CA GLY C 112 14.84 15.46 3.25
C GLY C 112 13.71 16.39 3.43
N SER C 113 13.36 17.05 2.32
CA SER C 113 12.33 18.06 2.27
C SER C 113 10.99 17.38 2.18
N ILE C 114 9.91 18.11 2.50
CA ILE C 114 8.59 17.54 2.53
C ILE C 114 7.76 18.59 1.88
N LYS C 115 6.83 18.16 1.03
CA LYS C 115 5.96 18.98 0.23
C LYS C 115 4.59 18.91 0.78
N LEU C 116 3.97 20.09 1.07
CA LEU C 116 2.60 20.15 1.50
C LEU C 116 1.81 20.87 0.45
N THR C 117 1.10 20.11 -0.40
CA THR C 117 0.24 20.60 -1.45
C THR C 117 -1.11 20.90 -0.83
N PHE C 118 -1.57 22.17 -0.88
CA PHE C 118 -2.86 22.54 -0.39
C PHE C 118 -3.73 22.75 -1.59
N MET C 119 -4.90 22.06 -1.63
CA MET C 119 -5.81 22.08 -2.75
C MET C 119 -7.10 22.72 -2.31
N PHE C 120 -7.51 23.84 -2.93
CA PHE C 120 -8.74 24.55 -2.64
C PHE C 120 -9.88 23.87 -3.35
N CYS C 121 -10.81 23.27 -2.58
CA CYS C 121 -11.97 22.62 -3.14
C CYS C 121 -13.18 23.43 -2.77
N GLY C 122 -13.17 24.76 -3.02
CA GLY C 122 -14.31 25.61 -2.77
C GLY C 122 -15.18 25.66 -3.97
N SER C 123 -15.99 26.75 -4.07
CA SER C 123 -16.81 27.06 -5.22
C SER C 123 -15.92 27.46 -6.37
N ALA C 124 -16.47 27.72 -7.57
CA ALA C 124 -15.67 28.10 -8.70
C ALA C 124 -15.68 29.58 -8.90
N MET C 125 -16.25 30.33 -7.94
CA MET C 125 -16.30 31.78 -8.02
C MET C 125 -15.70 32.34 -6.77
N ALA C 126 -15.53 31.49 -5.72
CA ALA C 126 -14.89 31.86 -4.49
C ALA C 126 -13.45 32.13 -4.76
N THR C 127 -12.88 33.14 -4.08
CA THR C 127 -11.51 33.53 -4.20
C THR C 127 -10.97 33.54 -2.80
N GLY C 128 -9.71 33.96 -2.63
CA GLY C 128 -9.09 34.05 -1.35
C GLY C 128 -7.64 33.85 -1.60
N LYS C 129 -6.81 34.37 -0.67
CA LYS C 129 -5.39 34.27 -0.68
C LYS C 129 -5.06 33.79 0.69
N PHE C 130 -4.00 32.99 0.82
CA PHE C 130 -3.61 32.45 2.09
C PHE C 130 -2.16 32.65 2.16
N LEU C 131 -1.62 32.91 3.37
CA LEU C 131 -0.21 33.02 3.61
C LEU C 131 0.11 31.76 4.35
N LEU C 132 0.74 30.80 3.66
CA LEU C 132 1.17 29.52 4.17
C LEU C 132 2.56 29.73 4.66
N ALA C 133 2.84 29.52 5.97
CA ALA C 133 4.14 29.84 6.51
C ALA C 133 4.60 28.70 7.30
N TYR C 134 5.91 28.46 7.23
CA TYR C 134 6.64 27.47 7.95
C TYR C 134 7.64 28.28 8.70
N SER C 135 7.62 28.22 10.04
CA SER C 135 8.53 28.94 10.88
C SER C 135 9.34 27.88 11.58
N PRO C 136 10.61 27.65 11.25
CA PRO C 136 11.57 26.82 11.96
C PRO C 136 11.56 26.92 13.44
N PRO C 137 11.97 25.93 14.24
CA PRO C 137 12.05 26.09 15.68
C PRO C 137 13.10 27.09 16.05
N GLY C 138 12.72 28.06 16.87
CA GLY C 138 13.56 29.13 17.32
C GLY C 138 12.74 29.89 18.30
N ALA C 139 11.41 29.64 18.27
CA ALA C 139 10.42 30.18 19.15
C ALA C 139 9.26 29.24 19.01
N GLY C 140 8.19 29.46 19.82
CA GLY C 140 7.07 28.55 20.00
C GLY C 140 5.81 28.75 19.18
N ALA C 141 5.95 28.87 17.84
CA ALA C 141 4.87 29.03 16.88
C ALA C 141 4.23 30.40 16.83
N PRO C 142 4.08 31.05 15.67
CA PRO C 142 3.41 32.32 15.52
C PRO C 142 1.99 32.28 16.00
N THR C 143 1.45 33.42 16.47
CA THR C 143 0.06 33.54 16.84
C THR C 143 -0.52 34.70 16.09
N LYS C 144 0.22 35.26 15.10
CA LYS C 144 -0.26 36.36 14.29
C LYS C 144 0.41 36.18 12.96
N ARG C 145 -0.26 36.66 11.89
CA ARG C 145 0.26 36.65 10.54
C ARG C 145 1.47 37.51 10.40
N VAL C 146 1.55 38.57 11.23
CA VAL C 146 2.60 39.56 11.21
C VAL C 146 3.89 38.98 11.75
N ASP C 147 3.80 37.83 12.45
CA ASP C 147 4.94 37.13 13.00
C ASP C 147 5.26 35.98 12.08
N ALA C 148 4.24 35.37 11.45
CA ALA C 148 4.39 34.28 10.54
C ALA C 148 5.11 34.63 9.28
N MET C 149 5.01 35.91 8.83
CA MET C 149 5.62 36.46 7.63
C MET C 149 7.10 36.24 7.66
N LEU C 150 7.77 36.60 8.79
CA LEU C 150 9.20 36.50 9.04
C LEU C 150 9.79 35.14 8.70
N GLY C 151 9.02 34.03 8.84
CA GLY C 151 9.47 32.71 8.51
C GLY C 151 9.64 32.52 7.02
N THR C 152 9.63 31.25 6.56
CA THR C 152 9.68 30.89 5.16
C THR C 152 8.25 30.72 4.77
N HIS C 153 7.66 31.67 4.00
CA HIS C 153 6.26 31.57 3.64
C HIS C 153 6.11 31.59 2.16
N VAL C 154 4.88 31.34 1.68
CA VAL C 154 4.51 31.32 0.29
C VAL C 154 3.10 31.80 0.35
N ILE C 155 2.80 32.95 -0.31
CA ILE C 155 1.47 33.44 -0.45
C ILE C 155 0.90 32.77 -1.64
N TRP C 156 -0.25 32.10 -1.43
CA TRP C 156 -0.96 31.36 -2.43
C TRP C 156 -2.08 32.21 -2.90
N ASP C 157 -2.09 32.53 -4.20
CA ASP C 157 -3.18 33.25 -4.84
C ASP C 157 -3.93 32.21 -5.62
N VAL C 158 -5.24 32.03 -5.30
CA VAL C 158 -6.11 31.05 -5.91
C VAL C 158 -6.67 31.63 -7.19
N GLY C 159 -7.14 30.76 -8.12
CA GLY C 159 -7.71 31.16 -9.40
C GLY C 159 -7.04 30.35 -10.46
N LEU C 160 -7.63 29.17 -10.79
CA LEU C 160 -7.12 28.16 -11.69
C LEU C 160 -5.93 27.51 -11.07
N GLN C 161 -5.66 26.22 -11.41
CA GLN C 161 -4.62 25.42 -10.80
C GLN C 161 -4.88 25.39 -9.33
N SER C 162 -5.93 24.67 -8.94
CA SER C 162 -6.44 24.74 -7.59
C SER C 162 -5.54 24.15 -6.55
N SER C 163 -4.21 24.07 -6.77
CA SER C 163 -3.32 23.63 -5.76
C SER C 163 -2.10 24.47 -5.85
N CYS C 164 -1.36 24.58 -4.73
CA CYS C 164 -0.17 25.38 -4.61
C CYS C 164 0.66 24.59 -3.66
N VAL C 165 1.95 24.38 -4.01
CA VAL C 165 2.85 23.54 -3.25
C VAL C 165 3.73 24.42 -2.40
N LEU C 166 3.54 24.37 -1.07
CA LEU C 166 4.47 24.96 -0.13
C LEU C 166 5.44 23.86 0.16
N CYS C 167 6.71 24.05 -0.25
CA CYS C 167 7.77 23.08 -0.06
C CYS C 167 8.50 23.54 1.17
N ILE C 168 8.61 22.64 2.17
CA ILE C 168 9.29 22.87 3.41
C ILE C 168 10.69 22.42 3.18
N PRO C 169 11.72 23.26 3.30
CA PRO C 169 13.08 22.89 2.98
C PRO C 169 13.69 22.28 4.21
N TRP C 170 14.89 21.68 4.07
CA TRP C 170 15.57 21.05 5.16
C TRP C 170 16.27 22.14 5.91
N ILE C 171 15.82 22.38 7.16
CA ILE C 171 16.51 23.24 8.08
C ILE C 171 16.62 22.41 9.31
N SER C 172 17.87 21.97 9.61
CA SER C 172 18.17 21.14 10.74
C SER C 172 19.65 21.36 10.93
N GLN C 173 20.14 21.11 12.16
CA GLN C 173 21.54 21.26 12.50
C GLN C 173 22.28 19.96 12.36
N THR C 174 21.61 18.91 11.83
CA THR C 174 22.17 17.58 11.73
C THR C 174 21.73 17.05 10.41
N HIS C 175 22.35 15.94 9.93
CA HIS C 175 22.11 15.39 8.62
C HIS C 175 20.99 14.38 8.67
N TYR C 176 20.34 14.23 9.83
CA TYR C 176 19.21 13.36 9.99
C TYR C 176 18.47 13.92 11.14
N ARG C 177 17.26 13.41 11.39
CA ARG C 177 16.48 13.82 12.50
C ARG C 177 15.75 12.61 12.95
N PHE C 178 15.28 12.61 14.20
CA PHE C 178 14.55 11.48 14.72
C PHE C 178 13.14 11.54 14.27
N VAL C 179 12.56 10.35 14.07
CA VAL C 179 11.18 10.17 13.71
C VAL C 179 10.42 10.19 15.01
N ALA C 180 10.99 9.53 16.05
CA ALA C 180 10.42 9.51 17.38
C ALA C 180 10.72 10.83 18.02
N SER C 181 9.89 11.29 18.99
CA SER C 181 10.06 12.58 19.61
C SER C 181 11.40 12.70 20.33
N ASP C 182 12.00 13.90 20.22
CA ASP C 182 13.25 14.21 20.85
C ASP C 182 13.20 15.70 20.94
N GLU C 183 14.08 16.30 21.76
CA GLU C 183 14.10 17.73 21.95
C GLU C 183 15.44 18.28 21.62
N TYR C 184 16.40 17.44 21.17
CA TYR C 184 17.66 17.93 20.67
C TYR C 184 17.42 18.43 19.28
N THR C 185 16.32 17.94 18.65
CA THR C 185 16.00 18.24 17.30
C THR C 185 14.51 18.28 17.28
N ALA C 186 13.97 19.19 16.47
CA ALA C 186 12.57 19.49 16.40
C ALA C 186 12.41 19.99 15.01
N GLY C 187 11.15 20.21 14.56
CA GLY C 187 10.86 20.40 13.17
C GLY C 187 10.09 21.64 12.91
N GLY C 188 9.83 22.47 13.95
CA GLY C 188 9.14 23.72 13.77
C GLY C 188 7.68 23.57 13.58
N PHE C 189 7.05 24.63 13.02
CA PHE C 189 5.63 24.79 13.02
C PHE C 189 5.20 25.21 11.67
N ILE C 190 4.08 24.62 11.19
CA ILE C 190 3.51 24.88 9.90
C ILE C 190 2.20 25.48 10.26
N THR C 191 1.93 26.70 9.77
CA THR C 191 0.71 27.42 10.05
C THR C 191 0.20 27.96 8.74
N CYS C 192 -1.09 28.34 8.70
CA CYS C 192 -1.71 28.99 7.57
C CYS C 192 -2.52 30.11 8.14
N TRP C 193 -2.54 31.27 7.47
CA TRP C 193 -3.27 32.44 7.90
C TRP C 193 -3.97 32.94 6.70
N TYR C 194 -5.06 33.72 6.87
CA TYR C 194 -5.69 34.35 5.75
C TYR C 194 -4.85 35.53 5.36
N GLN C 195 -4.54 35.68 4.07
CA GLN C 195 -3.82 36.81 3.58
C GLN C 195 -4.85 37.82 3.20
N THR C 196 -5.88 37.36 2.46
CA THR C 196 -6.99 38.18 2.05
C THR C 196 -8.15 37.26 2.09
N ASN C 197 -9.05 37.47 3.08
CA ASN C 197 -10.34 36.82 3.29
C ASN C 197 -11.05 36.28 2.05
N ILE C 198 -11.79 35.16 2.22
CA ILE C 198 -12.53 34.46 1.19
C ILE C 198 -13.69 35.30 0.71
N VAL C 199 -13.67 35.77 -0.56
CA VAL C 199 -14.71 36.63 -1.08
C VAL C 199 -15.51 35.69 -1.92
N VAL C 200 -16.82 35.58 -1.64
CA VAL C 200 -17.70 34.63 -2.28
C VAL C 200 -18.89 35.42 -2.74
N PRO C 201 -19.29 35.46 -4.02
CA PRO C 201 -20.47 36.18 -4.51
C PRO C 201 -21.75 35.63 -3.93
N ALA C 202 -22.91 36.00 -4.50
CA ALA C 202 -24.20 35.48 -4.08
C ALA C 202 -24.43 34.13 -4.70
N ASP C 203 -25.25 33.29 -4.03
CA ASP C 203 -25.67 31.98 -4.49
C ASP C 203 -24.54 30.96 -4.53
N ALA C 204 -23.39 31.27 -3.92
CA ALA C 204 -22.25 30.39 -3.87
C ALA C 204 -22.01 30.21 -2.41
N GLN C 205 -21.72 28.97 -1.98
CA GLN C 205 -21.56 28.66 -0.59
C GLN C 205 -20.33 29.34 -0.03
N SER C 206 -20.44 29.92 1.19
CA SER C 206 -19.43 30.77 1.78
C SER C 206 -18.51 30.01 2.68
N SER C 207 -18.66 28.67 2.70
CA SER C 207 -17.81 27.80 3.45
C SER C 207 -17.23 26.90 2.42
N CYS C 208 -15.89 26.96 2.28
CA CYS C 208 -15.16 26.17 1.33
C CYS C 208 -14.32 25.23 2.12
N TYR C 209 -13.41 24.50 1.45
CA TYR C 209 -12.57 23.53 2.08
C TYR C 209 -11.23 23.55 1.44
N ILE C 210 -10.20 23.07 2.18
CA ILE C 210 -8.87 22.92 1.67
C ILE C 210 -8.53 21.51 2.05
N MET C 211 -7.59 20.87 1.30
CA MET C 211 -7.12 19.53 1.54
C MET C 211 -5.65 19.71 1.64
N CYS C 212 -5.01 18.94 2.55
CA CYS C 212 -3.59 19.00 2.77
C CYS C 212 -3.09 17.67 2.34
N PHE C 213 -1.95 17.62 1.60
CA PHE C 213 -1.35 16.42 1.11
C PHE C 213 0.07 16.41 1.57
N VAL C 214 0.59 15.25 2.00
CA VAL C 214 1.96 15.11 2.47
C VAL C 214 2.68 14.19 1.53
N SER C 215 3.85 14.61 1.03
CA SER C 215 4.65 13.82 0.13
C SER C 215 6.10 14.07 0.45
N ALA C 216 6.98 13.16 0.01
CA ALA C 216 8.41 13.30 0.19
C ALA C 216 8.99 13.86 -1.06
N CYS C 217 10.16 14.52 -0.94
CA CYS C 217 10.92 15.06 -2.04
C CYS C 217 11.88 14.03 -2.56
N ASN C 218 12.72 14.43 -3.55
CA ASN C 218 13.64 13.54 -4.22
C ASN C 218 14.98 13.63 -3.56
N ASP C 219 15.12 14.49 -2.52
CA ASP C 219 16.32 14.66 -1.74
C ASP C 219 16.09 13.99 -0.42
N PHE C 220 15.27 12.90 -0.43
CA PHE C 220 14.76 12.26 0.75
C PHE C 220 15.39 10.91 0.91
N SER C 221 15.72 10.53 2.16
CA SER C 221 16.33 9.27 2.48
C SER C 221 15.95 8.92 3.89
N VAL C 222 15.79 7.63 4.18
CA VAL C 222 15.53 7.15 5.51
C VAL C 222 16.65 6.19 5.81
N ARG C 223 17.05 6.09 7.09
CA ARG C 223 18.16 5.26 7.49
C ARG C 223 17.75 4.60 8.78
N LEU C 224 18.47 3.54 9.20
CA LEU C 224 18.28 2.72 10.39
C LEU C 224 16.88 2.23 10.66
N LEU C 225 16.58 1.00 10.19
CA LEU C 225 15.31 0.33 10.30
C LEU C 225 15.05 -0.19 11.72
N LYS C 226 13.82 0.01 12.23
CA LYS C 226 13.30 -0.55 13.46
C LYS C 226 11.93 -1.07 13.06
N ASP C 227 11.07 -1.51 14.02
CA ASP C 227 9.74 -2.03 13.72
C ASP C 227 8.72 -1.15 14.41
N THR C 228 7.63 -0.83 13.67
CA THR C 228 6.46 -0.03 14.02
C THR C 228 5.92 -0.19 15.42
N PRO C 229 5.18 0.79 15.95
CA PRO C 229 4.56 0.66 17.26
C PRO C 229 3.06 0.64 17.08
N PHE C 230 2.51 0.89 15.86
CA PHE C 230 1.10 1.12 15.60
C PHE C 230 0.39 -0.13 15.18
N ILE C 231 0.99 -1.32 15.41
CA ILE C 231 0.38 -2.59 15.12
C ILE C 231 0.57 -3.42 16.35
N SER C 232 -0.41 -4.30 16.68
CA SER C 232 -0.34 -5.08 17.89
C SER C 232 -1.14 -6.34 17.73
N GLN C 233 -0.91 -7.28 18.67
CA GLN C 233 -1.57 -8.55 18.71
C GLN C 233 -1.47 -9.01 20.13
N GLN C 234 -2.33 -9.99 20.51
CA GLN C 234 -2.46 -10.47 21.85
C GLN C 234 -2.15 -11.92 21.70
N ASN C 235 -3.17 -12.74 21.35
CA ASN C 235 -3.02 -14.14 21.06
C ASN C 235 -2.95 -14.21 19.57
N PHE C 236 -2.42 -15.34 19.06
CA PHE C 236 -2.32 -15.61 17.65
C PHE C 236 -3.68 -15.65 17.03
N PHE C 237 -3.75 -15.24 15.75
CA PHE C 237 -4.99 -15.22 14.98
C PHE C 237 -5.39 -16.65 14.74
N GLN C 238 -6.56 -17.07 15.25
CA GLN C 238 -7.01 -18.43 15.11
C GLN C 238 -7.81 -18.51 13.82
N GLY D 2 34.86 -19.14 -9.54
CA GLY D 2 35.32 -17.73 -9.49
C GLY D 2 34.87 -17.04 -8.24
N ALA D 3 35.58 -15.93 -7.89
CA ALA D 3 35.33 -15.18 -6.68
C ALA D 3 34.89 -13.83 -7.10
N GLN D 4 33.71 -13.42 -6.59
CA GLN D 4 33.08 -12.17 -6.89
C GLN D 4 33.52 -11.22 -5.82
N VAL D 5 34.21 -10.13 -6.22
CA VAL D 5 34.77 -9.15 -5.34
C VAL D 5 34.04 -7.90 -5.65
N SER D 6 33.54 -7.19 -4.60
CA SER D 6 32.80 -5.99 -4.78
C SER D 6 33.00 -5.19 -3.54
N THR D 7 32.92 -3.84 -3.64
CA THR D 7 33.13 -2.95 -2.51
C THR D 7 32.08 -3.15 -1.45
N GLN D 8 32.48 -3.08 -0.16
CA GLN D 8 31.59 -3.06 0.97
C GLN D 8 30.81 -1.79 0.87
N LYS D 9 29.56 -1.75 1.39
CA LYS D 9 28.74 -0.56 1.36
C LYS D 9 29.36 0.48 2.27
N THR D 10 30.06 1.43 1.68
CA THR D 10 30.70 2.50 2.43
C THR D 10 29.85 3.77 2.41
N GLY D 11 30.04 4.62 3.41
CA GLY D 11 29.30 5.85 3.51
C GLY D 11 29.91 6.95 2.66
N ALA D 12 31.00 7.54 3.13
CA ALA D 12 31.68 8.60 2.41
C ALA D 12 32.99 8.97 3.09
N ILE D 25 35.95 -2.12 2.07
CA ILE D 25 36.32 -2.23 0.65
C ILE D 25 36.76 -3.63 0.35
N HIS D 26 36.02 -4.30 -0.58
CA HIS D 26 36.31 -5.59 -1.14
C HIS D 26 36.01 -6.72 -0.21
N TYR D 27 35.23 -7.70 -0.69
CA TYR D 27 34.98 -8.88 0.07
C TYR D 27 34.79 -9.97 -0.93
N THR D 28 35.52 -11.10 -0.75
CA THR D 28 35.32 -12.30 -1.53
C THR D 28 34.03 -12.93 -1.12
N ASN D 29 33.31 -13.49 -2.10
CA ASN D 29 32.08 -14.17 -1.85
C ASN D 29 32.05 -15.19 -2.93
N ILE D 30 31.84 -16.48 -2.57
CA ILE D 30 31.79 -17.55 -3.53
C ILE D 30 30.57 -18.34 -3.14
N ASN D 31 29.63 -18.52 -4.09
CA ASN D 31 28.48 -19.37 -3.91
C ASN D 31 28.91 -20.81 -3.83
N TYR D 32 28.41 -21.58 -2.83
CA TYR D 32 28.89 -22.92 -2.57
C TYR D 32 27.82 -23.96 -2.72
N TYR D 33 26.61 -23.58 -3.19
CA TYR D 33 25.50 -24.50 -3.24
C TYR D 33 25.01 -24.60 -4.64
N LYS D 34 24.48 -25.80 -4.99
CA LYS D 34 24.01 -26.17 -6.29
C LYS D 34 22.88 -25.31 -6.78
N ASP D 35 21.90 -25.00 -5.89
CA ASP D 35 20.77 -24.18 -6.24
C ASP D 35 21.18 -22.74 -6.17
N ALA D 36 20.42 -21.88 -6.87
CA ALA D 36 20.68 -20.46 -6.92
C ALA D 36 19.63 -19.79 -6.10
N ALA D 37 18.91 -20.60 -5.29
CA ALA D 37 17.88 -20.13 -4.41
C ALA D 37 18.39 -20.24 -3.01
N SER D 38 19.71 -20.53 -2.85
CA SER D 38 20.35 -20.68 -1.58
C SER D 38 21.48 -19.71 -1.42
N ASN D 39 21.64 -18.76 -2.37
CA ASN D 39 22.64 -17.74 -2.32
C ASN D 39 22.18 -16.66 -1.39
N SER D 40 23.13 -15.93 -0.76
CA SER D 40 22.87 -14.86 0.17
C SER D 40 22.09 -13.76 -0.50
N ALA D 41 21.24 -13.05 0.29
CA ALA D 41 20.37 -11.99 -0.18
C ALA D 41 21.10 -10.92 -0.93
N ASN D 42 20.36 -10.21 -1.82
CA ASN D 42 20.92 -9.19 -2.67
C ASN D 42 20.69 -7.85 -2.04
N ARG D 43 21.27 -7.65 -0.84
CA ARG D 43 21.12 -6.46 -0.02
C ARG D 43 21.55 -5.23 -0.77
N GLN D 44 22.60 -5.38 -1.62
CA GLN D 44 23.07 -4.35 -2.50
C GLN D 44 22.36 -4.62 -3.79
N ASP D 45 21.61 -3.62 -4.27
CA ASP D 45 20.76 -3.72 -5.43
C ASP D 45 20.11 -2.37 -5.44
N PHE D 46 20.83 -1.33 -5.92
CA PHE D 46 20.37 0.03 -5.76
C PHE D 46 19.84 0.51 -7.06
N THR D 47 18.56 0.96 -7.07
CA THR D 47 17.88 1.48 -8.22
C THR D 47 16.76 2.32 -7.65
N GLN D 48 16.36 3.37 -8.38
CA GLN D 48 15.29 4.27 -8.01
C GLN D 48 14.74 4.75 -9.31
N ASP D 49 13.40 4.86 -9.43
CA ASP D 49 12.79 5.26 -10.68
C ASP D 49 11.40 5.74 -10.38
N PRO D 50 11.20 6.87 -9.70
CA PRO D 50 9.90 7.34 -9.25
C PRO D 50 9.03 7.89 -10.35
N GLY D 51 9.31 7.62 -11.65
CA GLY D 51 8.45 8.03 -12.73
C GLY D 51 7.27 7.10 -12.90
N LYS D 52 7.01 6.24 -11.90
CA LYS D 52 5.94 5.29 -11.93
C LYS D 52 4.78 5.85 -11.17
N PHE D 53 4.67 5.53 -9.86
CA PHE D 53 3.55 5.90 -8.99
C PHE D 53 3.38 7.38 -8.90
N THR D 54 4.51 8.13 -8.78
CA THR D 54 4.49 9.57 -8.88
C THR D 54 4.43 9.85 -10.36
N GLU D 55 3.65 10.88 -10.77
CA GLU D 55 3.48 11.34 -12.14
C GLU D 55 3.16 10.25 -13.14
N PRO D 56 2.10 9.44 -13.00
CA PRO D 56 1.75 8.39 -13.94
C PRO D 56 1.04 8.96 -15.16
N VAL D 57 0.90 10.29 -15.30
CA VAL D 57 0.18 10.93 -16.38
C VAL D 57 0.75 10.63 -17.74
N LYS D 58 -0.15 10.63 -18.75
CA LYS D 58 0.10 10.33 -20.14
C LYS D 58 1.13 11.22 -20.76
N ASP D 59 0.93 12.55 -20.60
CA ASP D 59 1.80 13.56 -21.12
C ASP D 59 2.34 14.23 -19.90
N ILE D 60 3.68 14.16 -19.73
CA ILE D 60 4.37 14.69 -18.59
C ILE D 60 4.19 16.18 -18.50
N MET D 61 3.84 16.67 -17.28
CA MET D 61 3.59 18.06 -17.02
C MET D 61 4.94 18.67 -16.79
N ILE D 62 5.28 19.74 -17.54
CA ILE D 62 6.57 20.36 -17.43
C ILE D 62 6.43 21.52 -16.47
N LYS D 63 7.43 21.68 -15.57
CA LYS D 63 7.45 22.65 -14.50
C LYS D 63 7.86 24.02 -14.98
N SER D 64 6.93 24.75 -15.64
CA SER D 64 7.26 26.07 -16.12
C SER D 64 5.98 26.74 -16.54
N LEU D 65 4.83 26.04 -16.43
CA LEU D 65 3.58 26.60 -16.86
C LEU D 65 2.54 25.82 -16.12
N PRO D 66 1.26 26.16 -16.18
CA PRO D 66 0.25 25.44 -15.44
C PRO D 66 -0.15 24.20 -16.21
N ALA D 67 -0.53 23.13 -15.48
CA ALA D 67 -0.93 21.87 -16.06
C ALA D 67 -2.14 22.01 -16.92
N LEU D 68 -3.17 22.73 -16.42
CA LEU D 68 -4.38 23.02 -17.16
C LEU D 68 -4.14 24.25 -17.97
N ASN D 69 -5.02 24.50 -18.97
CA ASN D 69 -4.92 25.66 -19.82
C ASN D 69 -5.38 26.88 -19.01
O6 FHK E . 7.48 -13.82 19.31
O5 FHK E . 7.87 -14.63 21.24
C21 FHK E . 7.17 -13.92 20.55
O4 FHK E . 2.34 -18.11 21.20
C20 FHK E . 1.47 -20.98 22.05
C19 FHK E . 0.89 -22.09 22.67
C18 FHK E . -0.09 -21.92 23.66
C17 FHK E . -0.53 -20.64 24.03
O3 FHK E . -1.00 -17.59 24.24
C16 FHK E . -0.17 -18.10 23.52
C15 FHK E . 0.07 -19.55 23.39
C14 FHK E . 1.04 -19.72 22.44
C13 FHK E . 1.46 -18.37 21.99
N2 FHK E . 0.69 -17.49 22.68
C12 FHK E . 1.06 -14.08 21.16
C11 FHK E . 0.98 -15.47 21.29
C10 FHK E . 0.79 -16.06 22.54
C9 FHK E . 0.68 -15.24 23.67
C8 FHK E . 0.75 -13.86 23.55
C7 FHK E . 0.95 -13.27 22.29
O2 FHK E . 0.83 -11.04 20.79
O1 FHK E . 0.49 -10.91 23.37
S1 FHK E . 1.04 -11.51 22.15
N1 FHK E . 2.63 -11.16 22.48
C6 FHK E . 4.05 -11.73 20.65
C5 FHK E . 3.71 -11.83 21.99
C4 FHK E . 4.47 -12.61 22.85
C3 FHK E . 5.59 -13.29 22.38
C2 FHK E . 5.96 -13.17 21.03
C1 FHK E . 5.18 -12.38 20.17
H2 FHK E . 8.24 -14.41 19.33
H14 FHK E . 2.24 -21.10 21.28
H13 FHK E . 1.20 -23.09 22.39
H12 FHK E . -0.52 -22.79 24.14
H11 FHK E . -1.29 -20.49 24.79
H10 FHK E . 1.21 -13.63 20.17
H9 FHK E . 1.07 -16.08 20.40
H8 FHK E . 0.53 -15.68 24.65
H7 FHK E . 0.64 -13.24 24.44
H1 FHK E . 2.54 -11.08 23.47
H6 FHK E . 3.46 -11.10 19.99
H5 FHK E . 4.20 -12.70 23.90
H4 FHK E . 6.19 -13.89 23.05
H3 FHK E . 5.47 -12.27 19.12
#